data_7OWE
#
_entry.id   7OWE
#
_cell.length_a   69.781
_cell.length_b   143.164
_cell.length_c   158.714
_cell.angle_alpha   90.000
_cell.angle_beta   90.000
_cell.angle_gamma   90.000
#
_symmetry.space_group_name_H-M   'P 21 21 21'
#
loop_
_entity.id
_entity.type
_entity.pdbx_description
1 polymer 'Adenylate kinase'
2 non-polymer "BIS(ADENOSINE)-5'-PENTAPHOSPHATE"
#
_entity_poly.entity_id   1
_entity_poly.type   'polypeptide(L)'
_entity_poly.pdbx_seq_one_letter_code
;MRFILTGVPGAGKTTVCNKLAEKMSNLSVVNYGDVIFEEAKKLYPSIIQVREDTRKLPRADYRNIQIEAAKKISLITDNL
IVDTHMSLKTPYGFYPGLIPETINIIQPDGIILLEFNPRDVIARREKDRLAGKRVTRDMESETDILLHQQVNRMFAVSYS
AINQCYVKIIDLTWPQEYEFQHTEYAVNKIIEMLNFKI
;
_entity_poly.pdbx_strand_id   E,F,D,A,B,C
#
loop_
_chem_comp.id
_chem_comp.type
_chem_comp.name
_chem_comp.formula
AP5 non-polymer BIS(ADENOSINE)-5'-PENTAPHOSPHATE 'C20 H29 N10 O22 P5'
#
# COMPACT_ATOMS: atom_id res chain seq x y z
N MET A 1 25.16 -1.05 15.49
CA MET A 1 24.31 0.17 15.39
C MET A 1 23.99 0.50 13.94
N ARG A 2 23.07 1.43 13.72
CA ARG A 2 22.63 1.78 12.38
C ARG A 2 22.57 3.28 12.20
N PHE A 3 23.25 3.76 11.17
CA PHE A 3 23.36 5.17 10.86
C PHE A 3 23.16 5.38 9.37
N ILE A 4 22.35 6.36 9.03
CA ILE A 4 22.26 6.86 7.67
C ILE A 4 23.34 7.91 7.50
N LEU A 5 24.03 7.90 6.36
CA LEU A 5 25.07 8.88 6.06
C LEU A 5 24.66 9.65 4.82
N THR A 6 24.48 10.98 4.94
CA THR A 6 23.95 11.87 3.85
C THR A 6 24.55 13.29 3.71
N GLY A 7 24.64 13.77 2.48
CA GLY A 7 25.24 15.05 2.17
C GLY A 7 24.92 15.48 0.75
N VAL A 8 25.29 16.70 0.40
CA VAL A 8 25.06 17.20 -0.95
C VAL A 8 25.88 16.43 -1.96
N PRO A 9 25.41 16.39 -3.20
CA PRO A 9 26.06 15.63 -4.28
C PRO A 9 27.50 16.08 -4.65
N GLY A 10 28.26 15.10 -5.11
CA GLY A 10 29.58 15.24 -5.67
C GLY A 10 30.57 15.90 -4.73
N ALA A 11 30.42 15.65 -3.43
CA ALA A 11 31.37 16.28 -2.52
C ALA A 11 32.26 15.29 -1.79
N GLY A 12 32.22 14.01 -2.14
CA GLY A 12 33.04 13.01 -1.51
C GLY A 12 32.33 12.09 -0.54
N LYS A 13 31.02 11.90 -0.67
CA LYS A 13 30.29 11.00 0.20
C LYS A 13 30.77 9.57 0.03
N THR A 14 30.84 9.10 -1.22
CA THR A 14 31.20 7.71 -1.47
C THR A 14 32.66 7.42 -1.13
N THR A 15 33.55 8.39 -1.32
CA THR A 15 34.94 8.21 -0.88
C THR A 15 35.00 7.93 0.61
N VAL A 16 34.25 8.70 1.40
CA VAL A 16 34.19 8.46 2.84
C VAL A 16 33.62 7.08 3.11
N CYS A 17 32.54 6.71 2.41
CA CYS A 17 31.96 5.38 2.63
C CYS A 17 32.99 4.28 2.40
N ASN A 18 33.80 4.41 1.36
CA ASN A 18 34.77 3.37 1.03
C ASN A 18 35.91 3.32 2.06
N LYS A 19 36.47 4.48 2.39
CA LYS A 19 37.52 4.52 3.42
C LYS A 19 36.98 3.95 4.74
N LEU A 20 35.71 4.27 5.07
CA LEU A 20 35.05 3.68 6.23
C LEU A 20 35.05 2.16 6.15
N ALA A 21 34.47 1.62 5.07
CA ALA A 21 34.42 0.18 4.86
C ALA A 21 35.78 -0.46 5.06
N GLU A 22 36.84 0.23 4.61
CA GLU A 22 38.19 -0.30 4.81
C GLU A 22 38.56 -0.31 6.29
N LYS A 23 38.66 0.88 6.91
CA LYS A 23 39.26 0.98 8.24
C LYS A 23 38.49 0.19 9.31
N MET A 24 37.43 -0.48 8.90
CA MET A 24 36.62 -1.28 9.82
C MET A 24 36.05 -2.55 9.20
N SER A 25 36.32 -3.71 9.80
CA SER A 25 35.81 -4.97 9.29
C SER A 25 34.42 -5.29 9.84
N ASN A 26 34.07 -4.76 11.01
CA ASN A 26 32.79 -5.04 11.63
C ASN A 26 31.63 -4.34 10.95
N LEU A 27 31.89 -3.39 10.07
CA LEU A 27 30.86 -2.54 9.50
C LEU A 27 30.45 -3.00 8.10
N SER A 28 29.27 -2.56 7.69
CA SER A 28 28.75 -2.75 6.33
C SER A 28 28.37 -1.39 5.78
N VAL A 29 28.69 -1.15 4.51
CA VAL A 29 28.31 0.07 3.80
C VAL A 29 27.48 -0.33 2.59
N VAL A 30 26.36 0.36 2.38
CA VAL A 30 25.45 0.03 1.29
C VAL A 30 24.88 1.32 0.71
N ASN A 31 24.78 1.37 -0.62
CA ASN A 31 24.23 2.53 -1.33
C ASN A 31 22.76 2.25 -1.65
N TYR A 32 21.88 3.02 -1.02
CA TYR A 32 20.44 2.85 -1.22
C TYR A 32 20.05 3.03 -2.69
N GLY A 33 20.68 3.97 -3.38
CA GLY A 33 20.36 4.17 -4.79
C GLY A 33 20.61 2.93 -5.62
N ASP A 34 21.75 2.29 -5.41
CA ASP A 34 22.03 1.03 -6.11
C ASP A 34 21.00 -0.03 -5.76
N VAL A 35 20.58 -0.09 -4.50
CA VAL A 35 19.61 -1.12 -4.11
C VAL A 35 18.29 -0.92 -4.82
N ILE A 36 17.82 0.33 -4.92
CA ILE A 36 16.56 0.56 -5.61
C ILE A 36 16.72 0.28 -7.11
N PHE A 37 17.88 0.62 -7.69
CA PHE A 37 18.14 0.25 -9.07
C PHE A 37 18.03 -1.26 -9.27
N GLU A 38 18.67 -2.02 -8.38
CA GLU A 38 18.63 -3.48 -8.46
C GLU A 38 17.21 -4.00 -8.37
N GLU A 39 16.47 -3.53 -7.36
CA GLU A 39 15.09 -3.97 -7.17
C GLU A 39 14.25 -3.68 -8.41
N ALA A 40 14.39 -2.47 -8.95
CA ALA A 40 13.62 -2.09 -10.14
C ALA A 40 13.98 -2.98 -11.31
N LYS A 41 15.27 -3.25 -11.52
CA LYS A 41 15.67 -4.14 -12.61
C LYS A 41 15.11 -5.55 -12.42
N LYS A 42 14.92 -5.97 -11.17
CA LYS A 42 14.48 -7.33 -10.92
C LYS A 42 12.96 -7.48 -11.00
N LEU A 43 12.20 -6.45 -10.63
CA LEU A 43 10.74 -6.58 -10.62
C LEU A 43 10.10 -6.26 -11.95
N TYR A 44 10.67 -5.35 -12.73
CA TYR A 44 10.23 -5.08 -14.11
C TYR A 44 11.39 -5.38 -15.03
N PRO A 45 11.37 -6.47 -15.81
CA PRO A 45 12.61 -6.96 -16.45
C PRO A 45 13.26 -6.00 -17.43
N SER A 46 12.58 -4.93 -17.87
CA SER A 46 13.18 -4.06 -18.87
C SER A 46 12.94 -2.57 -18.67
N ILE A 47 11.85 -2.15 -18.01
CA ILE A 47 11.60 -0.72 -17.84
C ILE A 47 12.84 -0.01 -17.29
N ILE A 48 13.65 -0.71 -16.52
CA ILE A 48 14.74 -0.09 -15.77
C ILE A 48 16.06 -0.39 -16.47
N GLN A 49 16.74 0.67 -16.88
CA GLN A 49 18.13 0.61 -17.34
C GLN A 49 18.99 1.72 -16.75
N VAL A 50 18.43 2.89 -16.47
CA VAL A 50 19.13 3.96 -15.78
C VAL A 50 18.73 3.95 -14.31
N LEU A 57 8.39 5.37 -14.14
CA LEU A 57 7.52 4.52 -13.35
C LEU A 57 6.50 5.34 -12.56
N PRO A 58 5.30 4.81 -12.38
CA PRO A 58 4.37 5.43 -11.43
C PRO A 58 5.01 5.53 -10.07
N ARG A 59 4.68 6.60 -9.34
CA ARG A 59 5.31 6.84 -8.06
C ARG A 59 4.77 5.94 -6.96
N ALA A 60 3.57 5.38 -7.10
CA ALA A 60 3.13 4.35 -6.18
C ALA A 60 4.07 3.15 -6.24
N ASP A 61 4.36 2.66 -7.45
CA ASP A 61 5.33 1.59 -7.62
C ASP A 61 6.70 2.02 -7.12
N TYR A 62 7.14 3.22 -7.50
CA TYR A 62 8.42 3.74 -7.05
C TYR A 62 8.57 3.64 -5.55
N ARG A 63 7.57 4.12 -4.81
CA ARG A 63 7.56 4.01 -3.36
C ARG A 63 7.60 2.56 -2.92
N ASN A 64 6.86 1.70 -3.60
CA ASN A 64 6.86 0.28 -3.22
C ASN A 64 8.25 -0.33 -3.35
N ILE A 65 9.01 0.05 -4.38
CA ILE A 65 10.35 -0.50 -4.51
C ILE A 65 11.30 0.14 -3.49
N GLN A 66 11.11 1.43 -3.20
CA GLN A 66 11.85 2.02 -2.08
C GLN A 66 11.65 1.19 -0.82
N ILE A 67 10.41 0.76 -0.59
CA ILE A 67 10.07 -0.06 0.56
C ILE A 67 10.76 -1.42 0.48
N GLU A 68 10.77 -2.03 -0.70
CA GLU A 68 11.44 -3.32 -0.88
C GLU A 68 12.95 -3.21 -0.59
N ALA A 69 13.59 -2.18 -1.13
CA ALA A 69 15.01 -1.96 -0.87
C ALA A 69 15.27 -1.75 0.61
N ALA A 70 14.40 -0.99 1.28
CA ALA A 70 14.57 -0.77 2.70
C ALA A 70 14.46 -2.08 3.47
N LYS A 71 13.58 -2.98 3.04
CA LYS A 71 13.50 -4.27 3.70
C LYS A 71 14.75 -5.10 3.46
N LYS A 72 15.32 -5.02 2.26
CA LYS A 72 16.60 -5.70 2.03
C LYS A 72 17.66 -5.18 2.99
N ILE A 73 17.67 -3.87 3.25
CA ILE A 73 18.67 -3.32 4.15
C ILE A 73 18.34 -3.55 5.63
N SER A 74 17.06 -3.78 5.96
CA SER A 74 16.69 -4.10 7.33
C SER A 74 17.32 -5.38 7.83
N LEU A 75 17.98 -6.12 6.94
CA LEU A 75 18.34 -7.51 7.17
C LEU A 75 19.81 -7.70 7.51
N ILE A 76 20.63 -6.66 7.47
CA ILE A 76 22.05 -6.80 7.78
C ILE A 76 22.25 -6.88 9.29
N THR A 77 23.10 -7.82 9.71
CA THR A 77 23.25 -8.12 11.13
C THR A 77 24.01 -7.02 11.86
N ASP A 78 25.23 -6.72 11.43
CA ASP A 78 26.17 -5.95 12.22
C ASP A 78 25.92 -4.46 12.08
N ASN A 79 26.83 -3.65 12.63
CA ASN A 79 26.81 -2.21 12.40
C ASN A 79 26.60 -1.95 10.92
N LEU A 80 25.89 -0.87 10.62
CA LEU A 80 25.53 -0.54 9.24
C LEU A 80 25.60 0.96 9.02
N ILE A 81 26.15 1.34 7.87
CA ILE A 81 26.11 2.72 7.40
C ILE A 81 25.43 2.72 6.03
N VAL A 82 24.38 3.53 5.88
CA VAL A 82 23.56 3.54 4.68
C VAL A 82 23.81 4.85 3.95
N ASP A 83 24.47 4.78 2.80
CA ASP A 83 24.71 5.93 1.95
C ASP A 83 23.46 6.27 1.18
N THR A 84 22.90 7.45 1.42
CA THR A 84 21.71 7.89 0.71
C THR A 84 21.60 9.41 0.82
N HIS A 85 20.47 9.93 0.41
CA HIS A 85 20.24 11.38 0.41
C HIS A 85 19.01 11.79 1.20
N MET A 86 19.09 12.96 1.81
CA MET A 86 17.97 13.52 2.55
C MET A 86 16.98 14.22 1.64
N SER A 87 17.41 14.66 0.47
CA SER A 87 16.52 15.28 -0.50
C SER A 87 17.18 15.23 -1.86
N LEU A 88 16.34 15.28 -2.89
CA LEU A 88 16.78 15.32 -4.27
C LEU A 88 16.20 16.56 -4.94
N LYS A 89 17.02 17.24 -5.74
CA LYS A 89 16.61 18.46 -6.43
C LYS A 89 15.92 18.08 -7.73
N THR A 90 14.63 18.38 -7.83
CA THR A 90 13.81 18.08 -8.97
C THR A 90 13.30 19.38 -9.58
N PRO A 91 12.86 19.35 -10.84
CA PRO A 91 12.23 20.54 -11.43
C PRO A 91 11.04 21.04 -10.63
N TYR A 92 10.41 20.19 -9.82
CA TYR A 92 9.28 20.58 -9.00
C TYR A 92 9.67 21.02 -7.60
N GLY A 93 10.95 21.02 -7.26
CA GLY A 93 11.40 21.37 -5.92
C GLY A 93 12.24 20.28 -5.28
N PHE A 94 12.42 20.33 -3.97
CA PHE A 94 13.13 19.27 -3.27
C PHE A 94 12.15 18.16 -2.92
N TYR A 95 12.57 16.92 -3.14
CA TYR A 95 11.77 15.76 -2.78
C TYR A 95 12.50 14.95 -1.72
N PRO A 96 11.84 14.55 -0.63
CA PRO A 96 12.55 13.81 0.41
C PRO A 96 13.11 12.50 -0.14
N GLY A 97 14.38 12.24 0.16
CA GLY A 97 14.94 10.95 -0.15
C GLY A 97 14.21 9.86 0.60
N LEU A 98 13.78 10.13 1.82
CA LEU A 98 13.24 9.11 2.70
C LEU A 98 11.76 9.38 2.97
N ILE A 99 11.03 8.29 3.17
CA ILE A 99 9.59 8.33 3.41
C ILE A 99 9.36 7.62 4.73
N PRO A 100 8.34 8.01 5.51
CA PRO A 100 8.22 7.48 6.88
C PRO A 100 8.41 5.97 6.98
N GLU A 101 7.85 5.22 6.03
CA GLU A 101 7.97 3.77 6.07
C GLU A 101 9.42 3.32 5.96
N THR A 102 10.24 4.02 5.17
CA THR A 102 11.65 3.63 5.07
C THR A 102 12.32 3.73 6.44
N ILE A 103 12.03 4.79 7.20
CA ILE A 103 12.65 4.93 8.51
C ILE A 103 12.12 3.86 9.46
N ASN A 104 10.84 3.52 9.36
CA ASN A 104 10.32 2.45 10.22
C ASN A 104 10.93 1.10 9.86
N ILE A 105 11.31 0.90 8.59
CA ILE A 105 11.89 -0.38 8.19
C ILE A 105 13.35 -0.47 8.61
N ILE A 106 14.15 0.56 8.31
CA ILE A 106 15.57 0.49 8.58
C ILE A 106 15.84 0.62 10.08
N GLN A 107 14.97 1.28 10.82
CA GLN A 107 15.13 1.50 12.26
C GLN A 107 16.55 2.02 12.57
N PRO A 108 16.93 3.17 12.00
CA PRO A 108 18.30 3.66 12.21
C PRO A 108 18.46 4.29 13.58
N ASP A 109 19.63 4.09 14.17
CA ASP A 109 19.95 4.75 15.43
C ASP A 109 20.25 6.22 15.21
N GLY A 110 20.78 6.59 14.04
CA GLY A 110 21.07 7.99 13.82
C GLY A 110 21.23 8.35 12.36
N ILE A 111 21.23 9.66 12.12
CA ILE A 111 21.55 10.23 10.82
C ILE A 111 22.80 11.07 10.98
N ILE A 112 23.66 11.06 9.97
CA ILE A 112 24.90 11.81 9.96
C ILE A 112 24.91 12.65 8.69
N LEU A 113 25.12 13.96 8.85
CA LEU A 113 25.15 14.88 7.74
C LEU A 113 26.57 15.42 7.59
N LEU A 114 27.21 15.07 6.47
CA LEU A 114 28.52 15.64 6.13
C LEU A 114 28.28 16.97 5.45
N GLU A 115 28.63 18.07 6.13
CA GLU A 115 28.31 19.41 5.65
C GLU A 115 29.58 20.10 5.18
N PHE A 116 29.61 20.47 3.90
CA PHE A 116 30.81 20.99 3.26
C PHE A 116 30.67 22.49 3.02
N ASN A 117 31.76 23.07 2.52
CA ASN A 117 31.79 24.42 1.99
C ASN A 117 31.46 24.38 0.51
N PRO A 118 30.47 25.15 0.04
CA PRO A 118 30.07 25.02 -1.37
C PRO A 118 31.21 25.15 -2.36
N ARG A 119 32.25 25.92 -2.03
CA ARG A 119 33.37 26.08 -2.95
C ARG A 119 34.02 24.74 -3.28
N ASP A 120 34.40 23.99 -2.24
CA ASP A 120 35.00 22.69 -2.46
C ASP A 120 34.05 21.75 -3.21
N VAL A 121 32.75 21.84 -2.91
CA VAL A 121 31.79 21.00 -3.61
C VAL A 121 31.88 21.30 -5.10
N ILE A 122 31.77 22.57 -5.47
CA ILE A 122 31.80 22.95 -6.88
C ILE A 122 33.10 22.46 -7.52
N ALA A 123 34.22 22.62 -6.82
CA ALA A 123 35.49 22.16 -7.34
C ALA A 123 35.45 20.68 -7.67
N ARG A 124 34.95 19.87 -6.74
CA ARG A 124 34.94 18.43 -6.94
C ARG A 124 33.97 18.03 -8.06
N ARG A 125 32.91 18.76 -8.16
CA ARG A 125 31.99 18.46 -9.18
C ARG A 125 32.63 18.67 -10.50
N GLU A 126 33.11 19.87 -10.74
CA GLU A 126 33.72 20.20 -12.03
C GLU A 126 34.91 19.30 -12.33
N LYS A 127 35.64 18.88 -11.30
CA LYS A 127 36.73 17.92 -11.48
C LYS A 127 36.21 16.62 -12.07
N ASP A 128 35.11 16.11 -11.52
CA ASP A 128 34.50 14.91 -12.09
C ASP A 128 33.96 15.17 -13.49
N ARG A 129 33.50 16.39 -13.76
CA ARG A 129 32.95 16.70 -15.08
C ARG A 129 34.03 16.64 -16.15
N LEU A 130 35.19 17.26 -15.90
CA LEU A 130 36.25 17.26 -16.90
C LEU A 130 36.70 15.84 -17.23
N ALA A 131 36.71 14.95 -16.24
CA ALA A 131 37.13 13.56 -16.41
C ALA A 131 35.94 12.61 -16.51
N GLY A 132 34.80 13.10 -16.97
CA GLY A 132 33.63 12.26 -17.15
C GLY A 132 33.08 11.70 -15.86
N GLU A 140 25.61 23.93 -10.24
CA GLU A 140 24.92 24.73 -9.24
C GLU A 140 25.82 25.81 -8.63
N SER A 141 25.20 26.91 -8.21
CA SER A 141 25.89 28.00 -7.55
C SER A 141 26.14 27.68 -6.08
N GLU A 142 26.94 28.54 -5.44
CA GLU A 142 27.16 28.42 -4.00
C GLU A 142 25.83 28.51 -3.25
N THR A 143 24.99 29.48 -3.61
CA THR A 143 23.72 29.67 -2.92
C THR A 143 22.83 28.43 -3.07
N ASP A 144 22.80 27.85 -4.28
CA ASP A 144 22.04 26.62 -4.48
C ASP A 144 22.51 25.53 -3.54
N ILE A 145 23.83 25.36 -3.40
CA ILE A 145 24.38 24.29 -2.57
C ILE A 145 24.06 24.54 -1.10
N LEU A 146 24.18 25.79 -0.65
CA LEU A 146 23.84 26.08 0.75
C LEU A 146 22.36 25.85 1.03
N LEU A 147 21.49 26.23 0.08
CA LEU A 147 20.07 25.94 0.25
C LEU A 147 19.84 24.45 0.39
N HIS A 148 20.45 23.65 -0.49
CA HIS A 148 20.30 22.21 -0.40
C HIS A 148 20.78 21.69 0.95
N GLN A 149 21.88 22.26 1.47
CA GLN A 149 22.40 21.80 2.75
C GLN A 149 21.44 22.11 3.89
N GLN A 150 20.91 23.33 3.93
CA GLN A 150 19.97 23.68 4.99
C GLN A 150 18.72 22.81 4.90
N VAL A 151 18.26 22.53 3.68
CA VAL A 151 17.08 21.69 3.50
C VAL A 151 17.35 20.27 3.96
N ASN A 152 18.53 19.73 3.63
CA ASN A 152 18.91 18.42 4.15
C ASN A 152 18.87 18.42 5.68
N ARG A 153 19.42 19.47 6.30
CA ARG A 153 19.43 19.56 7.75
C ARG A 153 18.02 19.51 8.32
N MET A 154 17.11 20.28 7.73
CA MET A 154 15.73 20.30 8.22
C MET A 154 15.05 18.96 8.02
N PHE A 155 15.29 18.30 6.88
CA PHE A 155 14.74 16.97 6.65
C PHE A 155 15.23 15.99 7.70
N ALA A 156 16.53 16.04 8.02
CA ALA A 156 17.09 15.15 9.03
C ALA A 156 16.38 15.36 10.37
N VAL A 157 16.21 16.62 10.77
CA VAL A 157 15.57 16.84 12.06
C VAL A 157 14.11 16.40 12.03
N SER A 158 13.43 16.52 10.88
CA SER A 158 12.06 16.04 10.80
C SER A 158 12.01 14.53 11.01
N TYR A 159 12.83 13.79 10.27
CA TYR A 159 12.88 12.34 10.44
C TYR A 159 13.20 11.97 11.89
N SER A 160 14.14 12.68 12.51
CA SER A 160 14.46 12.42 13.91
C SER A 160 13.26 12.68 14.81
N ALA A 161 12.57 13.79 14.59
CA ALA A 161 11.41 14.11 15.40
C ALA A 161 10.36 13.04 15.32
N ILE A 162 10.21 12.40 14.15
CA ILE A 162 9.17 11.38 14.07
C ILE A 162 9.66 10.04 14.62
N ASN A 163 10.96 9.75 14.56
CA ASN A 163 11.46 8.44 15.00
C ASN A 163 12.51 8.49 16.10
N GLN A 164 12.81 9.68 16.63
CA GLN A 164 13.63 9.80 17.84
C GLN A 164 15.04 9.23 17.63
N CYS A 165 15.58 9.40 16.43
CA CYS A 165 16.94 9.01 16.14
C CYS A 165 17.87 10.21 16.26
N TYR A 166 19.16 9.93 16.38
CA TYR A 166 20.14 10.98 16.54
C TYR A 166 20.29 11.79 15.26
N VAL A 167 20.74 13.03 15.40
CA VAL A 167 21.10 13.89 14.27
C VAL A 167 22.50 14.42 14.52
N LYS A 168 23.47 13.95 13.75
CA LYS A 168 24.87 14.31 13.89
C LYS A 168 25.25 15.21 12.73
N ILE A 169 25.88 16.33 13.04
CA ILE A 169 26.39 17.26 12.04
C ILE A 169 27.91 17.17 12.07
N ILE A 170 28.51 16.75 10.94
CA ILE A 170 29.96 16.70 10.81
C ILE A 170 30.38 17.87 9.93
N ASP A 171 31.09 18.82 10.53
CA ASP A 171 31.51 20.05 9.87
C ASP A 171 32.79 19.81 9.07
N LEU A 172 32.71 19.95 7.75
CA LEU A 172 33.85 19.85 6.86
C LEU A 172 33.96 21.11 6.00
N THR A 173 33.47 22.25 6.52
CA THR A 173 33.63 23.52 5.85
C THR A 173 35.04 24.09 5.99
N TRP A 174 35.82 23.59 6.95
CA TRP A 174 37.15 24.13 7.17
C TRP A 174 38.06 23.83 5.98
N PRO A 175 39.07 24.67 5.75
CA PRO A 175 39.98 24.43 4.62
C PRO A 175 40.85 23.21 4.84
N GLN A 176 41.07 22.46 3.77
CA GLN A 176 41.86 21.24 3.84
C GLN A 176 43.35 21.56 3.83
N GLU A 177 44.08 21.03 4.82
CA GLU A 177 45.54 21.09 4.77
C GLU A 177 46.07 20.27 3.60
N TYR A 178 45.53 19.06 3.43
CA TYR A 178 45.83 18.20 2.29
C TYR A 178 44.53 17.57 1.83
N GLU A 179 44.50 17.14 0.58
CA GLU A 179 43.28 16.52 0.05
C GLU A 179 43.00 15.22 0.80
N PHE A 180 41.72 14.86 0.82
CA PHE A 180 41.22 13.69 1.55
C PHE A 180 41.39 13.83 3.06
N GLN A 181 41.78 15.00 3.55
CA GLN A 181 41.80 15.21 5.00
C GLN A 181 40.39 15.19 5.56
N HIS A 182 39.45 15.87 4.88
CA HIS A 182 38.04 15.76 5.24
C HIS A 182 37.62 14.30 5.42
N THR A 183 38.07 13.45 4.50
CA THR A 183 37.64 12.05 4.49
C THR A 183 38.08 11.33 5.75
N GLU A 184 39.38 11.39 6.07
CA GLU A 184 39.87 10.70 7.26
C GLU A 184 39.33 11.37 8.53
N TYR A 185 39.12 12.68 8.52
CA TYR A 185 38.49 13.35 9.65
C TYR A 185 37.10 12.76 9.92
N ALA A 186 36.27 12.71 8.89
CA ALA A 186 34.93 12.17 9.02
C ALA A 186 34.98 10.73 9.48
N VAL A 187 35.87 9.93 8.88
CA VAL A 187 36.00 8.53 9.30
C VAL A 187 36.41 8.47 10.75
N ASN A 188 37.33 9.32 11.19
CA ASN A 188 37.75 9.29 12.58
C ASN A 188 36.58 9.56 13.51
N LYS A 189 35.80 10.61 13.21
CA LYS A 189 34.61 10.89 14.01
C LYS A 189 33.66 9.70 14.03
N ILE A 190 33.41 9.10 12.87
CA ILE A 190 32.42 8.03 12.77
C ILE A 190 32.91 6.78 13.50
N ILE A 191 34.17 6.39 13.25
CA ILE A 191 34.76 5.26 13.96
C ILE A 191 34.66 5.47 15.46
N GLU A 192 34.99 6.68 15.91
CA GLU A 192 34.85 7.01 17.33
C GLU A 192 33.42 6.77 17.79
N MET A 193 32.44 7.10 16.95
CA MET A 193 31.05 6.84 17.30
C MET A 193 30.78 5.35 17.44
N LEU A 194 31.02 4.58 16.38
CA LEU A 194 30.69 3.15 16.39
C LEU A 194 31.33 2.45 17.57
N ASN A 195 32.46 2.95 18.05
CA ASN A 195 33.18 2.37 19.18
C ASN A 195 32.86 3.21 20.41
N PHE A 196 31.99 2.69 21.27
CA PHE A 196 31.57 3.42 22.46
C PHE A 196 31.12 2.49 23.57
N ARG B 2 -0.24 25.77 28.88
CA ARG B 2 0.88 24.86 29.01
C ARG B 2 1.97 25.12 27.98
N PHE B 3 3.13 25.55 28.46
CA PHE B 3 4.27 25.89 27.62
C PHE B 3 5.52 25.20 28.14
N ILE B 4 6.28 24.62 27.23
CA ILE B 4 7.63 24.16 27.53
C ILE B 4 8.58 25.33 27.34
N LEU B 5 9.54 25.48 28.24
CA LEU B 5 10.50 26.58 28.19
C LEU B 5 11.90 26.02 28.06
N THR B 6 12.65 26.47 27.05
CA THR B 6 13.95 25.87 26.78
C THR B 6 14.94 26.91 26.28
N GLY B 7 16.19 26.48 26.25
CA GLY B 7 17.30 27.27 25.76
C GLY B 7 18.53 26.39 25.86
N VAL B 8 19.61 26.84 25.21
CA VAL B 8 20.83 26.04 25.21
C VAL B 8 21.38 26.00 26.63
N PRO B 9 22.19 24.99 26.97
CA PRO B 9 22.70 24.90 28.34
C PRO B 9 23.49 26.14 28.73
N GLY B 10 23.25 26.58 29.96
CA GLY B 10 23.93 27.72 30.55
C GLY B 10 23.58 29.09 30.04
N ALA B 11 22.46 29.23 29.35
CA ALA B 11 22.06 30.55 28.87
C ALA B 11 21.15 31.24 29.88
N GLY B 12 20.63 30.46 30.80
CA GLY B 12 19.74 30.94 31.84
C GLY B 12 18.29 30.39 31.77
N LYS B 13 18.03 29.21 31.19
CA LYS B 13 16.67 28.72 31.08
C LYS B 13 16.04 28.66 32.47
N THR B 14 16.83 28.18 33.43
CA THR B 14 16.32 28.06 34.79
C THR B 14 16.01 29.38 35.47
N THR B 15 17.00 30.25 35.56
CA THR B 15 16.81 31.54 36.20
C THR B 15 15.52 32.21 35.77
N VAL B 16 15.17 32.06 34.50
CA VAL B 16 13.95 32.66 33.99
C VAL B 16 12.73 31.99 34.63
N CYS B 17 12.82 30.69 34.81
CA CYS B 17 11.73 29.92 35.40
C CYS B 17 11.46 30.34 36.85
N ASN B 18 12.53 30.55 37.62
CA ASN B 18 12.35 30.91 39.03
C ASN B 18 11.74 32.29 39.16
N LYS B 19 12.23 33.27 38.40
CA LYS B 19 11.66 34.60 38.47
C LYS B 19 10.21 34.60 38.01
N LEU B 20 9.85 33.72 37.07
CA LEU B 20 8.44 33.56 36.71
C LEU B 20 7.64 33.05 37.90
N ALA B 21 8.08 31.95 38.50
CA ALA B 21 7.39 31.41 39.67
C ALA B 21 7.15 32.50 40.71
N GLU B 22 8.11 33.40 40.88
CA GLU B 22 7.92 34.53 41.77
C GLU B 22 6.86 35.49 41.25
N LYS B 23 7.09 36.06 40.06
CA LYS B 23 6.31 37.18 39.54
C LYS B 23 4.86 36.82 39.24
N MET B 24 4.52 35.52 39.20
CA MET B 24 3.13 35.12 39.03
C MET B 24 2.77 34.12 40.12
N SER B 25 1.50 34.24 40.59
CA SER B 25 0.98 33.35 41.62
C SER B 25 0.13 32.23 41.06
N ASN B 26 -0.54 32.46 39.92
CA ASN B 26 -1.43 31.44 39.37
C ASN B 26 -0.65 30.28 38.76
N LEU B 27 0.56 30.52 38.29
CA LEU B 27 1.29 29.47 37.58
C LEU B 27 2.12 28.64 38.55
N SER B 28 2.38 27.41 38.12
CA SER B 28 3.32 26.51 38.79
C SER B 28 4.42 26.16 37.81
N VAL B 29 5.65 26.13 38.30
CA VAL B 29 6.83 25.82 37.50
C VAL B 29 7.44 24.54 38.02
N VAL B 30 7.89 23.69 37.11
CA VAL B 30 8.43 22.39 37.47
C VAL B 30 9.61 22.08 36.56
N ASN B 31 10.69 21.56 37.15
CA ASN B 31 11.92 21.29 36.40
C ASN B 31 11.90 19.83 35.94
N TYR B 32 11.45 19.62 34.70
CA TYR B 32 11.46 18.30 34.08
C TYR B 32 12.89 17.76 33.97
N GLY B 33 13.84 18.62 33.64
CA GLY B 33 15.22 18.18 33.50
C GLY B 33 15.79 17.61 34.79
N ASP B 34 15.51 18.27 35.92
CA ASP B 34 15.99 17.76 37.20
C ASP B 34 15.39 16.40 37.52
N VAL B 35 14.09 16.22 37.21
CA VAL B 35 13.44 14.94 37.46
C VAL B 35 14.05 13.85 36.59
N ILE B 36 14.38 14.18 35.34
CA ILE B 36 15.03 13.21 34.46
C ILE B 36 16.40 12.84 35.02
N PHE B 37 17.16 13.85 35.45
CA PHE B 37 18.46 13.62 36.07
C PHE B 37 18.35 12.63 37.23
N GLU B 38 17.41 12.91 38.13
CA GLU B 38 17.26 12.09 39.33
C GLU B 38 16.83 10.68 38.98
N GLU B 39 15.84 10.52 38.09
CA GLU B 39 15.43 9.19 37.67
C GLU B 39 16.62 8.42 37.07
N ALA B 40 17.37 9.08 36.18
CA ALA B 40 18.45 8.40 35.48
C ALA B 40 19.51 7.91 36.45
N LYS B 41 19.97 8.78 37.35
CA LYS B 41 21.00 8.30 38.28
C LYS B 41 20.42 7.47 39.42
N LYS B 42 19.10 7.47 39.62
CA LYS B 42 18.50 6.51 40.54
C LYS B 42 18.53 5.11 39.95
N LEU B 43 18.34 4.99 38.63
CA LEU B 43 18.26 3.68 38.01
C LEU B 43 19.61 3.18 37.51
N TYR B 44 20.50 4.08 37.08
CA TYR B 44 21.85 3.73 36.65
C TYR B 44 22.84 4.55 37.48
N PRO B 45 22.97 4.25 38.77
CA PRO B 45 23.82 5.07 39.64
C PRO B 45 25.31 4.98 39.34
N SER B 46 25.75 3.95 38.62
CA SER B 46 27.16 3.73 38.36
C SER B 46 27.64 4.42 37.08
N ILE B 47 26.73 4.64 36.15
CA ILE B 47 27.07 5.31 34.89
C ILE B 47 26.88 6.81 35.00
N ILE B 48 25.87 7.25 35.75
CA ILE B 48 25.46 8.65 35.79
C ILE B 48 25.85 9.24 37.12
N GLN B 49 26.75 10.23 37.08
CA GLN B 49 27.13 11.01 38.25
C GLN B 49 26.92 12.50 38.05
N VAL B 50 27.19 13.02 36.85
CA VAL B 50 26.91 14.41 36.53
C VAL B 50 25.73 14.45 35.56
N ARG B 51 25.20 15.66 35.33
CA ARG B 51 24.00 15.81 34.52
C ARG B 51 24.26 15.43 33.07
N GLU B 52 25.42 15.83 32.53
CA GLU B 52 25.72 15.52 31.13
C GLU B 52 25.78 14.02 30.90
N ASP B 53 26.11 13.23 31.93
CA ASP B 53 26.12 11.79 31.77
C ASP B 53 24.77 11.27 31.32
N THR B 54 23.69 11.98 31.65
CA THR B 54 22.36 11.57 31.24
C THR B 54 22.23 11.48 29.73
N ARG B 55 23.17 12.03 28.97
CA ARG B 55 23.05 12.08 27.52
C ARG B 55 23.66 10.88 26.81
N LYS B 56 24.44 10.06 27.50
CA LYS B 56 25.07 8.90 26.88
C LYS B 56 24.21 7.66 26.94
N LEU B 57 23.05 7.71 27.60
CA LEU B 57 22.22 6.54 27.76
C LEU B 57 21.75 6.02 26.41
N PRO B 58 21.63 4.71 26.23
CA PRO B 58 21.00 4.19 25.01
C PRO B 58 19.61 4.78 24.84
N ARG B 59 19.18 4.87 23.58
CA ARG B 59 17.93 5.58 23.28
C ARG B 59 16.72 4.89 23.94
N ALA B 60 16.72 3.56 23.99
CA ALA B 60 15.57 2.87 24.59
C ALA B 60 15.45 3.21 26.07
N ASP B 61 16.54 3.04 26.82
CA ASP B 61 16.53 3.37 28.25
C ASP B 61 16.26 4.85 28.46
N TYR B 62 16.95 5.69 27.70
CA TYR B 62 16.78 7.14 27.82
C TYR B 62 15.32 7.52 27.60
N ARG B 63 14.67 6.91 26.61
CA ARG B 63 13.26 7.14 26.35
C ARG B 63 12.40 6.73 27.53
N ASN B 64 12.65 5.54 28.08
CA ASN B 64 11.87 5.10 29.23
C ASN B 64 12.00 6.09 30.38
N ILE B 65 13.19 6.64 30.58
CA ILE B 65 13.38 7.61 31.67
C ILE B 65 12.67 8.92 31.34
N GLN B 66 12.72 9.36 30.08
CA GLN B 66 12.00 10.56 29.68
C GLN B 66 10.51 10.41 30.00
N ILE B 67 9.94 9.25 29.69
CA ILE B 67 8.51 9.04 29.91
C ILE B 67 8.21 8.98 31.41
N GLU B 68 9.04 8.26 32.18
CA GLU B 68 8.85 8.22 33.62
C GLU B 68 8.86 9.62 34.21
N ALA B 69 9.83 10.45 33.82
CA ALA B 69 9.93 11.80 34.35
C ALA B 69 8.75 12.66 33.89
N ALA B 70 8.31 12.46 32.65
CA ALA B 70 7.19 13.25 32.14
C ALA B 70 5.89 12.94 32.88
N LYS B 71 5.72 11.71 33.36
CA LYS B 71 4.52 11.41 34.13
C LYS B 71 4.54 12.13 35.48
N LYS B 72 5.70 12.19 36.13
CA LYS B 72 5.78 12.85 37.43
C LYS B 72 5.50 14.35 37.33
N ILE B 73 5.34 14.89 36.12
CA ILE B 73 5.38 16.34 35.94
C ILE B 73 4.21 16.88 35.12
N SER B 74 3.43 16.00 34.50
CA SER B 74 2.28 16.49 33.72
C SER B 74 1.17 16.82 34.70
N LEU B 75 1.17 18.06 35.18
CA LEU B 75 0.18 18.50 36.16
C LEU B 75 -1.11 18.90 35.45
N ILE B 76 -2.10 19.32 36.25
CA ILE B 76 -3.37 19.81 35.71
C ILE B 76 -3.66 21.18 36.30
N THR B 77 -2.62 21.95 36.57
CA THR B 77 -2.80 23.34 36.95
C THR B 77 -3.30 24.13 35.74
N ASP B 78 -3.94 25.26 36.00
CA ASP B 78 -4.51 26.02 34.89
C ASP B 78 -3.40 26.53 33.96
N ASN B 79 -2.28 26.92 34.55
CA ASN B 79 -1.12 27.38 33.81
C ASN B 79 0.10 26.56 34.26
N LEU B 80 0.90 26.11 33.31
CA LEU B 80 2.05 25.28 33.63
C LEU B 80 3.20 25.58 32.68
N ILE B 81 4.40 25.71 33.23
CA ILE B 81 5.62 25.90 32.45
C ILE B 81 6.60 24.78 32.80
N VAL B 82 7.13 24.12 31.77
CA VAL B 82 7.97 22.94 31.93
C VAL B 82 9.39 23.30 31.52
N ASP B 83 10.30 23.32 32.49
CA ASP B 83 11.71 23.62 32.27
C ASP B 83 12.43 22.38 31.75
N THR B 84 12.94 22.44 30.53
CA THR B 84 13.67 21.31 29.95
C THR B 84 14.52 21.77 28.79
N HIS B 85 15.03 20.80 28.02
CA HIS B 85 15.84 21.01 26.84
C HIS B 85 15.06 20.54 25.61
N MET B 86 15.30 21.19 24.47
CA MET B 86 14.70 20.74 23.22
C MET B 86 15.56 19.71 22.51
N SER B 87 16.87 19.74 22.71
CA SER B 87 17.76 18.74 22.15
C SER B 87 18.96 18.61 23.08
N LEU B 88 19.64 17.48 22.96
CA LEU B 88 20.76 17.15 23.83
C LEU B 88 21.93 16.71 22.96
N LYS B 89 23.11 17.26 23.25
CA LYS B 89 24.33 16.87 22.55
C LYS B 89 24.82 15.57 23.16
N THR B 90 24.74 14.49 22.40
CA THR B 90 25.21 13.19 22.78
C THR B 90 26.38 12.79 21.89
N PRO B 91 27.17 11.80 22.30
CA PRO B 91 28.27 11.34 21.45
C PRO B 91 27.83 10.96 20.04
N TYR B 92 26.55 10.61 19.87
CA TYR B 92 26.02 10.18 18.58
C TYR B 92 25.35 11.30 17.80
N GLY B 93 25.30 12.51 18.35
CA GLY B 93 24.63 13.62 17.69
C GLY B 93 23.60 14.23 18.60
N PHE B 94 22.64 14.93 18.02
CA PHE B 94 21.58 15.55 18.80
C PHE B 94 20.45 14.55 19.02
N TYR B 95 19.92 14.54 20.25
CA TYR B 95 18.78 13.70 20.60
C TYR B 95 17.62 14.57 21.06
N PRO B 96 16.39 14.31 20.61
CA PRO B 96 15.29 15.22 20.93
C PRO B 96 14.98 15.23 22.41
N GLY B 97 14.80 16.44 22.96
CA GLY B 97 14.35 16.57 24.34
C GLY B 97 12.89 16.25 24.53
N LEU B 98 12.11 16.19 23.45
CA LEU B 98 10.70 15.83 23.48
C LEU B 98 10.53 14.64 22.55
N ILE B 99 9.60 13.76 22.90
CA ILE B 99 9.24 12.63 22.04
C ILE B 99 7.72 12.52 22.04
N PRO B 100 7.14 11.92 20.98
CA PRO B 100 5.68 11.82 20.91
C PRO B 100 5.03 11.38 22.20
N GLU B 101 5.62 10.38 22.87
CA GLU B 101 5.08 9.93 24.15
C GLU B 101 5.05 11.05 25.17
N THR B 102 6.16 11.78 25.33
CA THR B 102 6.19 12.84 26.33
C THR B 102 5.35 14.03 25.92
N ILE B 103 5.22 14.32 24.63
CA ILE B 103 4.31 15.37 24.20
C ILE B 103 2.88 15.01 24.56
N ASN B 104 2.49 13.76 24.29
CA ASN B 104 1.14 13.32 24.60
C ASN B 104 0.89 13.31 26.09
N ILE B 105 1.91 13.04 26.90
CA ILE B 105 1.74 13.10 28.35
C ILE B 105 1.59 14.54 28.82
N ILE B 106 2.51 15.40 28.40
CA ILE B 106 2.57 16.77 28.90
C ILE B 106 1.51 17.67 28.25
N GLN B 107 0.97 17.27 27.10
CA GLN B 107 -0.13 17.99 26.47
C GLN B 107 0.12 19.48 26.21
N PRO B 108 1.31 19.85 25.72
CA PRO B 108 1.71 21.26 25.71
C PRO B 108 0.97 22.07 24.65
N ASP B 109 0.59 23.30 25.03
CA ASP B 109 0.08 24.24 24.04
C ASP B 109 1.21 24.83 23.19
N GLY B 110 2.39 25.00 23.77
CA GLY B 110 3.46 25.56 22.96
C GLY B 110 4.85 25.30 23.50
N ILE B 111 5.83 25.61 22.65
CA ILE B 111 7.24 25.55 23.00
C ILE B 111 7.80 26.97 22.93
N ILE B 112 8.68 27.30 23.87
CA ILE B 112 9.27 28.62 23.99
C ILE B 112 10.78 28.43 23.91
N LEU B 113 11.41 29.08 22.95
CA LEU B 113 12.85 29.02 22.75
C LEU B 113 13.46 30.36 23.13
N LEU B 114 14.32 30.36 24.14
CA LEU B 114 15.12 31.52 24.49
C LEU B 114 16.39 31.48 23.64
N GLU B 115 16.50 32.40 22.68
CA GLU B 115 17.66 32.43 21.80
C GLU B 115 18.62 33.52 22.27
N PHE B 116 19.85 33.13 22.54
CA PHE B 116 20.89 34.03 23.02
C PHE B 116 21.99 34.17 21.97
N ASN B 117 22.85 35.15 22.19
CA ASN B 117 24.05 35.29 21.37
C ASN B 117 25.17 34.47 21.97
N PRO B 118 25.81 33.58 21.21
CA PRO B 118 26.76 32.63 21.83
C PRO B 118 27.78 33.27 22.76
N ARG B 119 28.12 34.55 22.54
CA ARG B 119 29.06 35.21 23.42
C ARG B 119 28.60 35.13 24.88
N ASP B 120 27.34 35.55 25.12
CA ASP B 120 26.80 35.51 26.47
C ASP B 120 26.77 34.09 27.02
N VAL B 121 26.44 33.11 26.18
CA VAL B 121 26.39 31.72 26.64
C VAL B 121 27.77 31.28 27.13
N ILE B 122 28.80 31.53 26.32
CA ILE B 122 30.15 31.15 26.71
C ILE B 122 30.55 31.86 28.00
N ALA B 123 30.19 33.15 28.10
CA ALA B 123 30.48 33.89 29.33
C ALA B 123 29.89 33.19 30.54
N ARG B 124 28.60 32.87 30.50
CA ARG B 124 27.93 32.30 31.66
C ARG B 124 28.46 30.92 31.99
N ARG B 125 28.66 30.08 30.96
CA ARG B 125 29.21 28.76 31.20
C ARG B 125 30.56 28.84 31.88
N GLU B 126 31.50 29.60 31.31
CA GLU B 126 32.83 29.66 31.89
C GLU B 126 32.84 30.36 33.24
N LYS B 127 31.94 31.32 33.47
CA LYS B 127 31.87 31.94 34.79
C LYS B 127 31.47 30.92 35.84
N ASP B 128 30.43 30.12 35.57
CA ASP B 128 30.08 29.06 36.51
C ASP B 128 31.24 28.07 36.67
N ARG B 129 31.89 27.73 35.56
CA ARG B 129 32.97 26.75 35.62
C ARG B 129 34.13 27.26 36.48
N LEU B 130 34.47 28.58 36.41
CA LEU B 130 35.55 29.14 37.20
C LEU B 130 35.24 29.08 38.69
N ALA B 131 33.97 29.23 39.06
CA ALA B 131 33.55 29.23 40.45
C ALA B 131 33.10 27.83 40.92
N GLY B 132 33.60 26.78 40.29
CA GLY B 132 33.29 25.43 40.71
C GLY B 132 31.85 25.04 40.57
N LYS B 133 31.07 25.79 39.80
CA LYS B 133 29.65 25.50 39.60
C LYS B 133 29.46 24.79 38.26
N ARG B 134 28.77 23.66 38.30
CA ARG B 134 28.34 22.95 37.08
C ARG B 134 29.50 22.99 36.09
N VAL B 135 30.62 22.41 36.51
CA VAL B 135 31.83 22.32 35.73
C VAL B 135 31.77 21.43 34.50
N THR B 136 30.86 20.49 34.51
CA THR B 136 30.70 19.54 33.42
C THR B 136 30.12 20.10 32.12
N ARG B 137 29.72 21.36 32.18
CA ARG B 137 29.15 21.96 30.99
C ARG B 137 30.20 21.93 29.90
N ASP B 138 29.73 21.58 28.66
CA ASP B 138 30.61 21.44 27.52
C ASP B 138 31.25 22.68 27.11
N MET B 139 32.50 22.57 26.70
CA MET B 139 33.23 23.74 26.22
C MET B 139 33.05 23.81 24.71
N GLU B 140 32.26 24.77 24.25
CA GLU B 140 31.83 24.81 22.86
C GLU B 140 32.23 26.13 22.21
N SER B 141 32.47 26.06 20.91
CA SER B 141 32.74 27.25 20.12
C SER B 141 31.46 28.02 19.88
N GLU B 142 31.61 29.28 19.47
CA GLU B 142 30.44 30.07 19.09
C GLU B 142 29.62 29.34 18.04
N THR B 143 30.28 28.73 17.06
CA THR B 143 29.56 28.04 15.99
C THR B 143 28.81 26.83 16.53
N ASP B 144 29.40 26.08 17.45
CA ASP B 144 28.70 24.95 18.05
C ASP B 144 27.43 25.40 18.75
N ILE B 145 27.47 26.54 19.45
CA ILE B 145 26.29 27.02 20.16
C ILE B 145 25.23 27.50 19.18
N LEU B 146 25.63 28.22 18.12
CA LEU B 146 24.67 28.62 17.11
C LEU B 146 24.00 27.40 16.48
N LEU B 147 24.80 26.35 16.21
CA LEU B 147 24.23 25.12 15.68
C LEU B 147 23.22 24.53 16.64
N HIS B 148 23.57 24.46 17.92
CA HIS B 148 22.64 23.91 18.91
C HIS B 148 21.33 24.69 18.91
N GLN B 149 21.41 26.02 18.81
CA GLN B 149 20.19 26.83 18.81
C GLN B 149 19.36 26.59 17.56
N GLN B 150 20.01 26.53 16.39
CA GLN B 150 19.26 26.31 15.15
C GLN B 150 18.61 24.94 15.14
N VAL B 151 19.30 23.93 15.67
CA VAL B 151 18.72 22.59 15.74
C VAL B 151 17.56 22.55 16.72
N ASN B 152 17.69 23.25 17.85
CA ASN B 152 16.56 23.38 18.76
C ASN B 152 15.35 23.94 18.02
N ARG B 153 15.57 24.99 17.23
CA ARG B 153 14.48 25.61 16.48
C ARG B 153 13.83 24.61 15.54
N MET B 154 14.65 23.86 14.79
CA MET B 154 14.11 22.88 13.85
C MET B 154 13.30 21.80 14.56
N PHE B 155 13.80 21.32 15.71
CA PHE B 155 13.03 20.34 16.48
C PHE B 155 11.68 20.96 16.82
N ALA B 156 11.70 22.16 17.40
CA ALA B 156 10.46 22.78 17.84
C ALA B 156 9.46 22.86 16.70
N VAL B 157 9.93 23.26 15.51
CA VAL B 157 9.03 23.38 14.37
C VAL B 157 8.47 22.02 13.97
N SER B 158 9.28 20.97 14.00
CA SER B 158 8.77 19.67 13.60
C SER B 158 7.64 19.18 14.50
N TYR B 159 7.87 19.33 15.79
CA TYR B 159 6.87 18.90 16.75
C TYR B 159 5.60 19.71 16.62
N SER B 160 5.77 21.01 16.39
CA SER B 160 4.62 21.88 16.25
C SER B 160 3.80 21.47 15.05
N ALA B 161 4.46 21.16 13.95
CA ALA B 161 3.75 20.77 12.76
C ALA B 161 2.98 19.50 13.05
N ILE B 162 3.65 18.58 13.73
CA ILE B 162 3.03 17.31 14.09
C ILE B 162 1.91 17.38 15.11
N ASN B 163 2.04 18.27 16.08
CA ASN B 163 1.12 18.33 17.21
C ASN B 163 0.35 19.64 17.32
N GLN B 164 0.38 20.50 16.29
CA GLN B 164 -0.49 21.67 16.26
C GLN B 164 -0.29 22.55 17.49
N CYS B 165 0.95 22.71 17.92
CA CYS B 165 1.30 23.56 19.04
C CYS B 165 1.93 24.86 18.52
N TYR B 166 2.17 25.78 19.44
CA TYR B 166 2.81 27.04 19.11
C TYR B 166 4.34 26.92 19.23
N VAL B 167 5.03 27.79 18.51
CA VAL B 167 6.48 27.93 18.59
C VAL B 167 6.76 29.42 18.82
N LYS B 168 7.18 29.77 20.03
CA LYS B 168 7.44 31.15 20.43
C LYS B 168 8.95 31.33 20.56
N ILE B 169 9.50 32.27 19.81
CA ILE B 169 10.94 32.54 19.84
C ILE B 169 11.15 33.89 20.50
N ILE B 170 11.89 33.89 21.61
CA ILE B 170 12.20 35.10 22.36
C ILE B 170 13.67 35.40 22.11
N ASP B 171 13.91 36.53 21.44
CA ASP B 171 15.24 36.95 21.06
C ASP B 171 15.91 37.67 22.23
N LEU B 172 17.02 37.11 22.70
CA LEU B 172 17.80 37.72 23.78
C LEU B 172 19.27 37.82 23.39
N THR B 173 19.54 38.15 22.13
CA THR B 173 20.89 38.42 21.66
C THR B 173 21.31 39.87 21.89
N TRP B 174 20.37 40.77 22.16
CA TRP B 174 20.65 42.18 22.27
C TRP B 174 21.44 42.50 23.56
N PRO B 175 22.18 43.59 23.53
CA PRO B 175 23.02 43.96 24.67
C PRO B 175 22.18 44.33 25.88
N GLN B 176 22.65 43.98 27.07
CA GLN B 176 21.91 44.30 28.28
C GLN B 176 22.64 45.31 29.17
N GLU B 177 21.92 46.35 29.55
CA GLU B 177 22.47 47.40 30.39
C GLU B 177 22.88 46.87 31.74
N TYR B 178 22.06 45.97 32.29
CA TYR B 178 22.34 45.36 33.58
C TYR B 178 22.18 43.86 33.46
N GLU B 179 22.89 43.12 34.31
CA GLU B 179 22.80 41.66 34.28
C GLU B 179 21.38 41.23 34.56
N PHE B 180 20.92 40.24 33.81
CA PHE B 180 19.58 39.71 33.99
C PHE B 180 18.51 40.56 33.32
N GLN B 181 18.91 41.53 32.51
CA GLN B 181 17.93 42.35 31.81
C GLN B 181 17.21 41.37 30.92
N HIS B 182 18.00 40.51 30.29
CA HIS B 182 17.49 39.42 29.47
C HIS B 182 16.36 38.72 30.21
N THR B 183 16.67 38.25 31.42
CA THR B 183 15.69 37.48 32.19
C THR B 183 14.36 38.23 32.25
N GLU B 184 14.36 39.47 32.75
CA GLU B 184 13.10 40.15 32.94
C GLU B 184 12.36 40.30 31.63
N TYR B 185 13.09 40.68 30.56
CA TYR B 185 12.44 40.78 29.26
C TYR B 185 11.65 39.50 29.00
N ALA B 186 12.35 38.37 29.04
CA ALA B 186 11.70 37.09 28.79
C ALA B 186 10.49 36.92 29.70
N VAL B 187 10.71 37.10 31.01
CA VAL B 187 9.62 36.89 31.96
C VAL B 187 8.42 37.72 31.52
N ASN B 188 8.65 39.00 31.24
CA ASN B 188 7.53 39.88 30.91
C ASN B 188 6.78 39.34 29.70
N LYS B 189 7.49 39.01 28.62
CA LYS B 189 6.80 38.52 27.43
C LYS B 189 6.02 37.27 27.76
N ILE B 190 6.61 36.36 28.54
CA ILE B 190 5.91 35.13 28.85
C ILE B 190 4.62 35.43 29.59
N ILE B 191 4.68 36.38 30.54
CA ILE B 191 3.45 36.74 31.25
C ILE B 191 2.45 37.32 30.27
N GLU B 192 2.90 38.20 29.35
CA GLU B 192 1.99 38.71 28.35
C GLU B 192 1.30 37.56 27.62
N MET B 193 2.04 36.49 27.35
CA MET B 193 1.44 35.33 26.70
C MET B 193 0.36 34.72 27.59
N LEU B 194 0.72 34.40 28.84
CA LEU B 194 -0.20 33.65 29.69
C LEU B 194 -1.47 34.44 29.99
N ASN B 195 -1.39 35.77 29.93
CA ASN B 195 -2.52 36.64 30.15
C ASN B 195 -3.04 37.09 28.78
N PHE B 196 -4.22 36.62 28.42
CA PHE B 196 -4.81 36.98 27.13
C PHE B 196 -6.32 36.75 27.09
N ARG C 2 -1.79 19.93 -8.54
CA ARG C 2 -2.19 20.79 -7.42
C ARG C 2 -0.98 21.16 -6.56
N PHE C 3 -0.83 22.45 -6.26
CA PHE C 3 0.28 22.88 -5.43
C PHE C 3 -0.17 23.95 -4.45
N ILE C 4 0.41 23.92 -3.24
CA ILE C 4 0.21 25.01 -2.28
C ILE C 4 1.22 26.11 -2.59
N LEU C 5 0.78 27.36 -2.54
CA LEU C 5 1.62 28.52 -2.81
C LEU C 5 1.60 29.43 -1.59
N THR C 6 2.78 29.79 -1.09
CA THR C 6 2.87 30.50 0.18
C THR C 6 3.94 31.57 0.15
N GLY C 7 3.82 32.47 1.12
CA GLY C 7 4.81 33.51 1.37
C GLY C 7 4.45 34.20 2.67
N VAL C 8 5.27 35.17 3.05
CA VAL C 8 4.95 36.01 4.19
C VAL C 8 3.85 36.99 3.79
N PRO C 9 3.04 37.47 4.73
CA PRO C 9 1.94 38.36 4.35
C PRO C 9 2.44 39.65 3.72
N GLY C 10 1.77 40.07 2.64
CA GLY C 10 2.01 41.36 2.04
C GLY C 10 3.11 41.42 1.01
N ALA C 11 3.68 40.28 0.62
CA ALA C 11 4.80 40.28 -0.31
C ALA C 11 4.39 40.01 -1.75
N GLY C 12 3.11 39.76 -2.01
CA GLY C 12 2.65 39.58 -3.38
C GLY C 12 2.20 38.17 -3.72
N LYS C 13 1.70 37.44 -2.73
CA LYS C 13 1.21 36.08 -2.99
C LYS C 13 -0.04 36.01 -3.88
N THR C 14 -1.05 36.84 -3.60
CA THR C 14 -2.28 36.87 -4.41
C THR C 14 -2.05 37.43 -5.83
N THR C 15 -1.17 38.42 -5.95
CA THR C 15 -0.89 39.03 -7.25
C THR C 15 -0.34 37.95 -8.18
N VAL C 16 0.55 37.12 -7.65
CA VAL C 16 1.08 36.00 -8.42
C VAL C 16 -0.03 35.00 -8.74
N CYS C 17 -0.86 34.69 -7.75
CA CYS C 17 -1.96 33.75 -7.99
C CYS C 17 -2.86 34.22 -9.12
N ASN C 18 -3.19 35.52 -9.14
CA ASN C 18 -4.12 36.03 -10.14
C ASN C 18 -3.47 36.09 -11.52
N LYS C 19 -2.20 36.50 -11.60
CA LYS C 19 -1.51 36.46 -12.88
C LYS C 19 -1.46 35.03 -13.42
N LEU C 20 -1.28 34.06 -12.53
CA LEU C 20 -1.32 32.66 -12.94
C LEU C 20 -2.69 32.29 -13.50
N ALA C 21 -3.75 32.55 -12.73
CA ALA C 21 -5.10 32.30 -13.23
C ALA C 21 -5.30 32.92 -14.60
N GLU C 22 -4.69 34.09 -14.83
CA GLU C 22 -4.72 34.71 -16.15
C GLU C 22 -4.09 33.80 -17.19
N LYS C 23 -2.78 33.56 -17.04
CA LYS C 23 -2.00 32.91 -18.09
C LYS C 23 -2.34 31.43 -18.26
N MET C 24 -3.31 30.91 -17.52
CA MET C 24 -3.72 29.52 -17.65
C MET C 24 -5.23 29.44 -17.56
N SER C 25 -5.82 28.50 -18.30
CA SER C 25 -7.26 28.31 -18.33
C SER C 25 -7.74 27.09 -17.57
N ASN C 26 -6.95 26.01 -17.56
CA ASN C 26 -7.36 24.80 -16.85
C ASN C 26 -7.25 24.96 -15.34
N LEU C 27 -6.38 25.84 -14.86
CA LEU C 27 -6.15 25.95 -13.43
C LEU C 27 -7.07 26.99 -12.81
N SER C 28 -7.38 26.78 -11.54
CA SER C 28 -8.09 27.73 -10.71
C SER C 28 -7.07 28.30 -9.74
N VAL C 29 -7.48 29.29 -8.96
CA VAL C 29 -6.79 29.74 -7.75
C VAL C 29 -7.82 30.01 -6.68
N VAL C 30 -7.56 29.51 -5.47
CA VAL C 30 -8.46 29.66 -4.34
C VAL C 30 -7.66 30.07 -3.12
N ASN C 31 -8.19 31.01 -2.35
CA ASN C 31 -7.54 31.51 -1.15
C ASN C 31 -8.12 30.77 0.06
N TYR C 32 -7.34 29.84 0.63
CA TYR C 32 -7.71 29.17 1.87
C TYR C 32 -8.03 30.18 2.96
N GLY C 33 -7.37 31.34 2.93
CA GLY C 33 -7.61 32.35 3.95
C GLY C 33 -9.04 32.85 3.97
N ASP C 34 -9.63 33.04 2.79
CA ASP C 34 -11.01 33.50 2.73
C ASP C 34 -11.95 32.48 3.36
N VAL C 35 -11.75 31.19 3.05
CA VAL C 35 -12.59 30.15 3.62
C VAL C 35 -12.44 30.10 5.13
N ILE C 36 -11.21 30.21 5.61
CA ILE C 36 -10.98 30.19 7.06
C ILE C 36 -11.75 31.36 7.66
N PHE C 37 -11.58 32.56 7.09
CA PHE C 37 -12.32 33.72 7.58
C PHE C 37 -13.82 33.43 7.63
N GLU C 38 -14.36 32.82 6.59
CA GLU C 38 -15.80 32.55 6.53
C GLU C 38 -16.22 31.69 7.71
N GLU C 39 -15.59 30.52 7.88
CA GLU C 39 -15.97 29.64 8.98
C GLU C 39 -15.73 30.31 10.34
N ALA C 40 -14.60 31.01 10.48
CA ALA C 40 -14.24 31.62 11.75
C ALA C 40 -15.32 32.60 12.19
N LYS C 41 -15.73 33.52 11.30
CA LYS C 41 -16.80 34.44 11.65
C LYS C 41 -18.14 33.74 11.77
N LYS C 42 -18.31 32.61 11.08
CA LYS C 42 -19.55 31.85 11.18
C LYS C 42 -19.77 31.36 12.59
N LEU C 43 -18.71 30.95 13.28
CA LEU C 43 -18.88 30.44 14.64
C LEU C 43 -18.54 31.44 15.74
N TYR C 44 -17.63 32.39 15.49
CA TYR C 44 -17.30 33.43 16.47
C TYR C 44 -17.39 34.79 15.79
N PRO C 45 -18.60 35.24 15.46
CA PRO C 45 -18.74 36.51 14.72
C PRO C 45 -18.42 37.75 15.54
N SER C 46 -18.30 37.65 16.86
CA SER C 46 -18.12 38.84 17.69
C SER C 46 -16.65 39.16 17.97
N ILE C 47 -15.79 38.15 18.07
CA ILE C 47 -14.37 38.40 18.25
C ILE C 47 -13.65 38.52 16.90
N ILE C 48 -14.17 37.85 15.87
CA ILE C 48 -13.56 37.90 14.54
C ILE C 48 -14.22 39.01 13.74
N GLN C 49 -13.42 39.91 13.24
CA GLN C 49 -13.87 41.04 12.43
C GLN C 49 -13.04 41.20 11.17
N VAL C 50 -11.73 41.03 11.26
CA VAL C 50 -10.88 40.92 10.08
C VAL C 50 -10.20 39.57 10.07
N ARG C 51 -9.41 39.31 9.04
CA ARG C 51 -8.83 37.99 8.83
C ARG C 51 -7.82 37.67 9.92
N GLU C 52 -6.87 38.57 10.17
CA GLU C 52 -5.83 38.32 11.15
C GLU C 52 -6.40 37.90 12.50
N ASP C 53 -7.63 38.34 12.83
CA ASP C 53 -8.20 38.01 14.13
C ASP C 53 -8.23 36.52 14.38
N THR C 54 -8.39 35.71 13.33
CA THR C 54 -8.46 34.26 13.54
C THR C 54 -7.23 33.72 14.26
N ARG C 55 -6.10 34.45 14.22
CA ARG C 55 -4.89 33.96 14.86
C ARG C 55 -4.99 33.97 16.38
N LYS C 56 -5.89 34.77 16.95
CA LYS C 56 -6.05 34.82 18.40
C LYS C 56 -6.90 33.68 18.94
N LEU C 57 -7.44 32.81 18.09
CA LEU C 57 -8.35 31.78 18.54
C LEU C 57 -7.60 30.68 19.30
N PRO C 58 -8.24 30.09 20.31
CA PRO C 58 -7.64 28.92 20.97
C PRO C 58 -7.28 27.82 19.98
N ARG C 59 -6.35 26.94 20.38
CA ARG C 59 -5.87 25.90 19.49
C ARG C 59 -7.00 24.99 19.02
N ALA C 60 -7.86 24.56 19.94
CA ALA C 60 -8.89 23.58 19.57
C ALA C 60 -9.85 24.17 18.54
N ASP C 61 -10.40 25.35 18.83
CA ASP C 61 -11.29 25.98 17.88
C ASP C 61 -10.57 26.30 16.57
N TYR C 62 -9.35 26.82 16.66
CA TYR C 62 -8.58 27.16 15.45
C TYR C 62 -8.36 25.93 14.59
N ARG C 63 -8.08 24.79 15.21
CA ARG C 63 -7.96 23.53 14.49
C ARG C 63 -9.28 23.17 13.81
N ASN C 64 -10.39 23.30 14.54
CA ASN C 64 -11.68 23.03 13.94
C ASN C 64 -11.92 23.89 12.70
N ILE C 65 -11.55 25.17 12.78
CA ILE C 65 -11.77 26.06 11.63
C ILE C 65 -10.89 25.64 10.46
N GLN C 66 -9.62 25.32 10.72
CA GLN C 66 -8.75 24.86 9.65
C GLN C 66 -9.34 23.63 8.97
N ILE C 67 -9.84 22.68 9.76
CA ILE C 67 -10.36 21.43 9.21
C ILE C 67 -11.61 21.69 8.39
N GLU C 68 -12.50 22.56 8.88
CA GLU C 68 -13.69 22.89 8.11
C GLU C 68 -13.33 23.59 6.81
N ALA C 69 -12.39 24.54 6.87
CA ALA C 69 -12.03 25.30 5.67
C ALA C 69 -11.39 24.39 4.62
N ALA C 70 -10.60 23.41 5.06
CA ALA C 70 -10.01 22.48 4.11
C ALA C 70 -11.07 21.73 3.31
N LYS C 71 -12.31 21.70 3.80
CA LYS C 71 -13.35 20.93 3.12
C LYS C 71 -13.70 21.53 1.76
N LYS C 72 -13.81 22.86 1.67
CA LYS C 72 -14.26 23.49 0.44
C LYS C 72 -13.19 23.57 -0.64
N ILE C 73 -12.01 23.01 -0.43
CA ILE C 73 -10.95 23.02 -1.43
C ILE C 73 -10.76 21.65 -2.06
N SER C 74 -10.89 20.57 -1.28
CA SER C 74 -10.93 19.25 -1.88
C SER C 74 -12.19 19.07 -2.74
N LEU C 75 -13.06 20.07 -2.76
CA LEU C 75 -14.22 20.10 -3.66
C LEU C 75 -13.81 20.42 -5.09
N ILE C 76 -12.67 21.06 -5.22
CA ILE C 76 -12.08 21.46 -6.48
C ILE C 76 -11.39 20.25 -7.08
N THR C 77 -11.61 20.00 -8.37
CA THR C 77 -10.98 18.86 -9.02
C THR C 77 -9.98 19.24 -10.11
N ASP C 78 -10.16 20.43 -10.69
CA ASP C 78 -9.29 20.92 -11.74
C ASP C 78 -7.95 21.25 -11.13
N ASN C 79 -6.91 21.40 -11.95
CA ASN C 79 -5.60 21.72 -11.38
C ASN C 79 -5.78 22.97 -10.55
N LEU C 80 -5.24 22.97 -9.34
CA LEU C 80 -5.45 24.10 -8.46
C LEU C 80 -4.17 24.48 -7.73
N ILE C 81 -4.08 25.79 -7.46
CA ILE C 81 -3.06 26.37 -6.60
C ILE C 81 -3.75 26.91 -5.36
N VAL C 82 -3.26 26.51 -4.20
CA VAL C 82 -3.89 26.85 -2.92
C VAL C 82 -3.07 27.95 -2.26
N ASP C 83 -3.63 29.16 -2.24
CA ASP C 83 -3.01 30.30 -1.58
C ASP C 83 -3.25 30.18 -0.08
N THR C 84 -2.19 29.96 0.69
CA THR C 84 -2.33 29.89 2.15
C THR C 84 -1.00 30.27 2.80
N HIS C 85 -0.87 29.92 4.08
CA HIS C 85 0.31 30.21 4.88
C HIS C 85 0.89 28.93 5.46
N MET C 86 2.21 28.93 5.66
CA MET C 86 2.88 27.83 6.34
C MET C 86 2.86 27.98 7.85
N SER C 87 2.82 29.21 8.35
CA SER C 87 2.70 29.47 9.78
C SER C 87 2.12 30.86 9.97
N LEU C 88 1.49 31.07 11.13
CA LEU C 88 0.86 32.33 11.45
C LEU C 88 1.39 32.85 12.77
N LYS C 89 1.66 34.16 12.83
CA LYS C 89 2.19 34.79 14.04
C LYS C 89 1.02 35.11 14.98
N THR C 90 0.98 34.43 16.12
CA THR C 90 -0.03 34.60 17.15
C THR C 90 0.61 35.17 18.41
N PRO C 91 -0.19 35.72 19.31
CA PRO C 91 0.37 36.16 20.60
C PRO C 91 1.18 35.09 21.30
N TYR C 92 0.96 33.83 20.91
CA TYR C 92 1.58 32.68 21.55
C TYR C 92 2.78 32.14 20.79
N GLY C 93 3.11 32.72 19.64
CA GLY C 93 4.18 32.20 18.81
C GLY C 93 3.71 31.85 17.42
N PHE C 94 4.46 31.03 16.70
CA PHE C 94 4.05 30.61 15.37
C PHE C 94 3.15 29.38 15.46
N TYR C 95 2.09 29.38 14.67
CA TYR C 95 1.12 28.29 14.65
C TYR C 95 1.09 27.67 13.25
N PRO C 96 1.11 26.35 13.14
CA PRO C 96 1.21 25.73 11.81
C PRO C 96 -0.01 26.04 10.96
N GLY C 97 0.24 26.47 9.72
CA GLY C 97 -0.83 26.65 8.78
C GLY C 97 -1.45 25.34 8.30
N LEU C 98 -0.71 24.25 8.40
CA LEU C 98 -1.18 22.93 7.99
C LEU C 98 -0.95 21.93 9.12
N ILE C 99 -1.96 21.09 9.37
CA ILE C 99 -1.93 20.08 10.42
C ILE C 99 -2.39 18.77 9.82
N PRO C 100 -1.86 17.62 10.27
CA PRO C 100 -2.03 16.37 9.50
C PRO C 100 -3.39 16.17 8.88
N GLU C 101 -4.47 16.47 9.62
CA GLU C 101 -5.80 16.35 9.06
C GLU C 101 -5.89 17.11 7.75
N THR C 102 -5.54 18.40 7.77
CA THR C 102 -5.73 19.24 6.61
C THR C 102 -4.83 18.81 5.45
N ILE C 103 -3.58 18.41 5.74
CA ILE C 103 -2.72 17.98 4.64
C ILE C 103 -3.30 16.73 3.98
N ASN C 104 -3.78 15.77 4.79
CA ASN C 104 -4.34 14.56 4.20
C ASN C 104 -5.66 14.84 3.48
N ILE C 105 -6.36 15.93 3.84
CA ILE C 105 -7.56 16.31 3.09
C ILE C 105 -7.18 16.91 1.74
N ILE C 106 -6.26 17.88 1.75
CA ILE C 106 -5.94 18.58 0.50
C ILE C 106 -5.06 17.72 -0.41
N GLN C 107 -4.17 16.90 0.16
CA GLN C 107 -3.28 16.04 -0.60
C GLN C 107 -2.52 16.85 -1.66
N PRO C 108 -1.69 17.81 -1.25
CA PRO C 108 -0.99 18.64 -2.23
C PRO C 108 0.17 17.89 -2.86
N ASP C 109 0.37 18.13 -4.16
CA ASP C 109 1.50 17.52 -4.85
C ASP C 109 2.82 18.20 -4.47
N GLY C 110 2.78 19.48 -4.13
CA GLY C 110 3.98 20.19 -3.74
C GLY C 110 3.66 21.49 -3.03
N ILE C 111 4.71 22.08 -2.47
CA ILE C 111 4.64 23.39 -1.83
C ILE C 111 5.59 24.33 -2.55
N ILE C 112 5.21 25.60 -2.65
CA ILE C 112 6.00 26.64 -3.29
C ILE C 112 6.17 27.77 -2.29
N LEU C 113 7.42 28.17 -2.06
CA LEU C 113 7.75 29.21 -1.12
C LEU C 113 8.29 30.42 -1.88
N LEU C 114 7.58 31.54 -1.82
CA LEU C 114 8.09 32.79 -2.37
C LEU C 114 8.86 33.51 -1.27
N GLU C 115 10.18 33.59 -1.41
CA GLU C 115 11.01 34.18 -0.37
C GLU C 115 11.59 35.51 -0.84
N PHE C 116 11.28 36.57 -0.12
CA PHE C 116 11.65 37.94 -0.48
C PHE C 116 12.69 38.49 0.47
N ASN C 117 13.18 39.70 0.15
CA ASN C 117 14.00 40.47 1.08
C ASN C 117 13.11 41.30 1.98
N PRO C 118 13.28 41.25 3.31
CA PRO C 118 12.33 41.94 4.19
C PRO C 118 12.12 43.41 3.85
N ARG C 119 13.11 44.07 3.25
CA ARG C 119 12.93 45.47 2.86
C ARG C 119 11.72 45.63 1.95
N ASP C 120 11.66 44.84 0.87
CA ASP C 120 10.55 44.94 -0.07
C ASP C 120 9.24 44.64 0.63
N VAL C 121 9.22 43.61 1.48
CA VAL C 121 7.99 43.24 2.18
C VAL C 121 7.49 44.41 3.01
N ILE C 122 8.39 45.03 3.78
CA ILE C 122 7.99 46.17 4.60
C ILE C 122 7.49 47.30 3.72
N ALA C 123 8.20 47.57 2.62
CA ALA C 123 7.77 48.64 1.72
C ALA C 123 6.34 48.42 1.26
N ARG C 124 6.02 47.19 0.85
CA ARG C 124 4.69 46.91 0.32
C ARG C 124 3.62 46.99 1.40
N ARG C 125 3.89 46.36 2.56
CA ARG C 125 2.95 46.45 3.67
C ARG C 125 2.66 47.91 4.02
N GLU C 126 3.71 48.72 4.18
CA GLU C 126 3.55 50.08 4.63
C GLU C 126 2.91 50.96 3.56
N LYS C 127 3.17 50.69 2.27
CA LYS C 127 2.50 51.46 1.23
C LYS C 127 1.02 51.17 1.23
N ASP C 128 0.62 49.90 1.36
CA ASP C 128 -0.81 49.60 1.46
C ASP C 128 -1.41 50.22 2.72
N ARG C 129 -0.67 50.18 3.84
CA ARG C 129 -1.18 50.74 5.08
C ARG C 129 -1.40 52.23 4.96
N LEU C 130 -0.42 52.95 4.41
CA LEU C 130 -0.55 54.40 4.23
C LEU C 130 -1.68 54.73 3.28
N ALA C 131 -2.00 53.83 2.34
CA ALA C 131 -3.06 54.04 1.38
C ALA C 131 -4.38 53.43 1.83
N GLY C 132 -4.57 53.23 3.13
CA GLY C 132 -5.84 52.76 3.65
C GLY C 132 -6.31 51.43 3.09
N LYS C 133 -5.40 50.46 3.00
CA LYS C 133 -5.72 49.17 2.41
C LYS C 133 -4.99 48.08 3.17
N ARG C 134 -5.74 47.04 3.55
CA ARG C 134 -5.21 45.95 4.37
C ARG C 134 -4.47 46.51 5.59
N VAL C 135 -5.12 47.47 6.26
CA VAL C 135 -4.53 48.19 7.37
C VAL C 135 -4.13 47.28 8.52
N THR C 136 -4.62 46.05 8.55
CA THR C 136 -4.55 45.23 9.76
C THR C 136 -3.42 44.21 9.74
N ARG C 137 -2.64 44.12 8.66
CA ARG C 137 -1.39 43.38 8.72
C ARG C 137 -0.50 43.97 9.82
N ASP C 138 0.57 43.24 10.15
CA ASP C 138 1.39 43.61 11.29
C ASP C 138 2.52 44.55 10.89
N MET C 139 2.88 45.43 11.83
CA MET C 139 4.03 46.32 11.68
C MET C 139 5.22 45.57 12.29
N GLU C 140 5.91 44.81 11.45
CA GLU C 140 6.99 43.95 11.91
C GLU C 140 8.35 44.55 11.57
N SER C 141 9.35 44.20 12.36
CA SER C 141 10.71 44.60 12.07
C SER C 141 11.26 43.78 10.90
N GLU C 142 12.39 44.26 10.37
CA GLU C 142 13.12 43.49 9.36
C GLU C 142 13.49 42.12 9.91
N THR C 143 13.97 42.08 11.15
CA THR C 143 14.37 40.83 11.79
C THR C 143 13.19 39.90 11.97
N ASP C 144 12.06 40.43 12.47
CA ASP C 144 10.89 39.59 12.69
C ASP C 144 10.43 38.94 11.38
N ILE C 145 10.49 39.68 10.28
CA ILE C 145 10.05 39.15 9.00
C ILE C 145 11.01 38.08 8.51
N LEU C 146 12.32 38.31 8.67
CA LEU C 146 13.29 37.27 8.31
C LEU C 146 13.05 36.00 9.10
N LEU C 147 12.82 36.14 10.41
CA LEU C 147 12.50 35.00 11.26
C LEU C 147 11.27 34.27 10.75
N HIS C 148 10.20 35.01 10.46
CA HIS C 148 8.98 34.41 9.93
C HIS C 148 9.26 33.60 8.68
N GLN C 149 10.14 34.11 7.80
CA GLN C 149 10.37 33.42 6.54
C GLN C 149 11.15 32.13 6.74
N GLN C 150 12.22 32.17 7.53
CA GLN C 150 12.96 30.93 7.76
C GLN C 150 12.10 29.91 8.52
N VAL C 151 11.20 30.37 9.39
CA VAL C 151 10.30 29.45 10.06
C VAL C 151 9.30 28.85 9.08
N ASN C 152 8.80 29.66 8.14
CA ASN C 152 7.98 29.12 7.05
C ASN C 152 8.70 27.97 6.37
N ARG C 153 9.98 28.18 6.06
CA ARG C 153 10.76 27.15 5.38
C ARG C 153 10.82 25.87 6.21
N MET C 154 11.07 26.00 7.51
CA MET C 154 11.15 24.82 8.36
C MET C 154 9.82 24.07 8.37
N PHE C 155 8.71 24.79 8.51
CA PHE C 155 7.40 24.14 8.49
C PHE C 155 7.19 23.41 7.17
N ALA C 156 7.53 24.04 6.05
CA ALA C 156 7.36 23.42 4.75
C ALA C 156 8.11 22.10 4.67
N VAL C 157 9.37 22.10 5.13
CA VAL C 157 10.16 20.88 5.04
C VAL C 157 9.57 19.79 5.93
N SER C 158 9.04 20.17 7.10
CA SER C 158 8.39 19.16 7.95
C SER C 158 7.20 18.53 7.23
N TYR C 159 6.30 19.38 6.71
CA TYR C 159 5.16 18.86 5.96
C TYR C 159 5.61 17.90 4.86
N SER C 160 6.66 18.28 4.13
CA SER C 160 7.13 17.45 3.03
C SER C 160 7.64 16.11 3.54
N ALA C 161 8.46 16.13 4.60
CA ALA C 161 8.93 14.90 5.19
C ALA C 161 7.78 13.98 5.54
N ILE C 162 6.65 14.56 5.96
CA ILE C 162 5.55 13.71 6.38
C ILE C 162 4.71 13.19 5.20
N ASN C 163 4.57 13.96 4.11
CA ASN C 163 3.50 13.70 3.15
C ASN C 163 3.95 13.52 1.70
N GLN C 164 5.24 13.27 1.44
CA GLN C 164 5.71 12.97 0.09
C GLN C 164 5.50 14.11 -0.91
N CYS C 165 5.51 15.35 -0.46
CA CYS C 165 5.31 16.47 -1.38
C CYS C 165 6.62 17.17 -1.65
N TYR C 166 6.71 17.78 -2.83
CA TYR C 166 7.90 18.52 -3.22
C TYR C 166 7.96 19.83 -2.45
N VAL C 167 9.18 20.37 -2.33
CA VAL C 167 9.40 21.67 -1.69
C VAL C 167 10.19 22.51 -2.68
N LYS C 168 9.52 23.46 -3.32
CA LYS C 168 10.13 24.39 -4.27
C LYS C 168 10.33 25.72 -3.57
N ILE C 169 11.56 26.24 -3.63
CA ILE C 169 11.88 27.54 -3.06
C ILE C 169 12.17 28.49 -4.21
N ILE C 170 11.35 29.52 -4.34
CA ILE C 170 11.49 30.54 -5.37
C ILE C 170 12.13 31.76 -4.71
N ASP C 171 13.36 32.04 -5.16
CA ASP C 171 14.18 33.11 -4.60
C ASP C 171 13.81 34.43 -5.28
N LEU C 172 13.21 35.34 -4.53
CA LEU C 172 12.89 36.68 -4.97
C LEU C 172 13.59 37.70 -4.09
N THR C 173 14.73 37.32 -3.51
CA THR C 173 15.50 38.21 -2.66
C THR C 173 16.24 39.26 -3.47
N TRP C 174 16.48 39.00 -4.76
CA TRP C 174 17.27 39.92 -5.55
C TRP C 174 16.55 41.25 -5.74
N PRO C 175 17.29 42.34 -5.92
CA PRO C 175 16.63 43.64 -6.14
C PRO C 175 16.04 43.71 -7.53
N GLN C 176 14.88 44.35 -7.62
CA GLN C 176 14.11 44.40 -8.84
C GLN C 176 14.47 45.63 -9.64
N GLU C 177 14.60 45.45 -10.96
CA GLU C 177 14.80 46.58 -11.85
C GLU C 177 13.52 47.43 -11.96
N TYR C 178 12.36 46.78 -12.06
CA TYR C 178 11.08 47.48 -12.16
C TYR C 178 10.03 46.76 -11.34
N GLU C 179 8.88 47.43 -11.17
CA GLU C 179 7.83 46.91 -10.32
C GLU C 179 7.27 45.58 -10.83
N PHE C 180 6.87 44.73 -9.89
CA PHE C 180 6.24 43.45 -10.17
C PHE C 180 7.14 42.53 -10.99
N GLN C 181 8.44 42.80 -11.00
CA GLN C 181 9.38 41.90 -11.63
C GLN C 181 9.40 40.55 -10.91
N HIS C 182 9.36 40.57 -9.57
CA HIS C 182 9.16 39.35 -8.80
C HIS C 182 7.94 38.58 -9.30
N THR C 183 6.82 39.29 -9.47
CA THR C 183 5.58 38.63 -9.86
C THR C 183 5.74 37.91 -11.19
N GLU C 184 6.21 38.62 -12.21
CA GLU C 184 6.34 38.01 -13.54
C GLU C 184 7.34 36.85 -13.50
N TYR C 185 8.47 37.04 -12.83
CA TYR C 185 9.47 35.98 -12.72
C TYR C 185 8.87 34.73 -12.09
N ALA C 186 8.22 34.89 -10.93
CA ALA C 186 7.63 33.75 -10.24
C ALA C 186 6.55 33.09 -11.09
N VAL C 187 5.70 33.90 -11.73
CA VAL C 187 4.64 33.35 -12.58
C VAL C 187 5.25 32.50 -13.68
N ASN C 188 6.35 32.97 -14.28
CA ASN C 188 7.00 32.21 -15.34
C ASN C 188 7.57 30.90 -14.81
N LYS C 189 8.20 30.94 -13.64
CA LYS C 189 8.73 29.70 -13.06
C LYS C 189 7.61 28.70 -12.80
N ILE C 190 6.49 29.17 -12.29
CA ILE C 190 5.40 28.26 -11.95
C ILE C 190 4.74 27.70 -13.22
N ILE C 191 4.57 28.54 -14.24
CA ILE C 191 4.04 28.03 -15.50
C ILE C 191 4.96 26.94 -16.03
N GLU C 192 6.28 27.16 -15.96
CA GLU C 192 7.21 26.12 -16.40
C GLU C 192 7.01 24.85 -15.60
N MET C 193 6.79 24.97 -14.30
CA MET C 193 6.62 23.77 -13.47
C MET C 193 5.40 22.97 -13.92
N LEU C 194 4.21 23.59 -13.88
CA LEU C 194 2.99 22.80 -14.09
C LEU C 194 2.91 22.20 -15.49
N ASN C 195 3.66 22.74 -16.46
CA ASN C 195 3.65 22.21 -17.83
C ASN C 195 4.73 21.14 -17.95
N PHE C 196 4.34 19.88 -17.84
CA PHE C 196 5.30 18.78 -17.86
C PHE C 196 4.67 17.49 -18.39
N MET D 1 -25.06 -12.88 -31.17
CA MET D 1 -23.68 -13.00 -30.76
C MET D 1 -23.23 -14.45 -30.90
N ARG D 2 -22.12 -14.78 -30.24
CA ARG D 2 -21.58 -16.14 -30.29
C ARG D 2 -21.65 -16.76 -28.92
N PHE D 3 -22.20 -17.96 -28.85
CA PHE D 3 -22.32 -18.66 -27.57
C PHE D 3 -21.88 -20.10 -27.69
N ILE D 4 -21.32 -20.62 -26.60
CA ILE D 4 -20.89 -21.99 -26.58
C ILE D 4 -21.87 -22.71 -25.67
N LEU D 5 -22.42 -23.81 -26.14
CA LEU D 5 -23.35 -24.58 -25.36
C LEU D 5 -22.60 -25.81 -24.94
N THR D 6 -22.63 -26.18 -23.77
CA THR D 6 -21.84 -27.25 -23.18
C THR D 6 -22.54 -27.91 -22.00
N GLY D 7 -22.05 -29.14 -21.74
CA GLY D 7 -22.50 -29.95 -20.63
C GLY D 7 -21.69 -31.24 -20.66
N VAL D 8 -21.89 -32.06 -19.64
CA VAL D 8 -21.13 -33.31 -19.56
C VAL D 8 -21.55 -34.22 -20.72
N PRO D 9 -20.69 -35.13 -21.16
CA PRO D 9 -21.04 -35.97 -22.31
C PRO D 9 -22.32 -36.74 -22.07
N GLY D 10 -23.13 -36.85 -23.13
CA GLY D 10 -24.29 -37.71 -23.13
C GLY D 10 -25.52 -37.16 -22.45
N ALA D 11 -25.33 -35.99 -21.84
CA ALA D 11 -26.31 -35.23 -21.08
C ALA D 11 -27.50 -34.62 -21.81
N GLY D 12 -27.29 -34.13 -23.03
CA GLY D 12 -28.36 -33.53 -23.81
C GLY D 12 -28.11 -32.19 -24.51
N LYS D 13 -26.84 -31.81 -24.58
CA LYS D 13 -26.44 -30.55 -25.19
C LYS D 13 -26.78 -30.52 -26.68
N THR D 14 -26.52 -31.58 -27.40
CA THR D 14 -26.81 -31.62 -28.83
C THR D 14 -28.29 -31.49 -29.15
N THR D 15 -29.10 -32.19 -28.37
CA THR D 15 -30.55 -32.18 -28.51
C THR D 15 -31.07 -30.76 -28.36
N VAL D 16 -30.52 -30.04 -27.39
CA VAL D 16 -30.93 -28.66 -27.16
C VAL D 16 -30.55 -27.80 -28.36
N CYS D 17 -29.37 -28.04 -28.90
CA CYS D 17 -28.91 -27.26 -30.03
C CYS D 17 -29.82 -27.40 -31.20
N ASN D 18 -30.27 -28.63 -31.43
CA ASN D 18 -31.15 -28.89 -32.56
C ASN D 18 -32.48 -28.16 -32.42
N LYS D 19 -33.08 -28.22 -31.23
CA LYS D 19 -34.35 -27.53 -31.04
C LYS D 19 -34.17 -26.01 -31.21
N LEU D 20 -33.05 -25.46 -30.75
CA LEU D 20 -32.76 -24.05 -31.01
C LEU D 20 -32.69 -23.80 -32.52
N ALA D 21 -31.88 -24.57 -33.23
CA ALA D 21 -31.77 -24.42 -34.68
C ALA D 21 -33.15 -24.37 -35.32
N GLU D 22 -34.09 -25.16 -34.81
CA GLU D 22 -35.46 -25.10 -35.32
C GLU D 22 -36.10 -23.76 -34.99
N LYS D 23 -36.26 -23.45 -33.70
CA LYS D 23 -37.09 -22.33 -33.27
C LYS D 23 -36.48 -20.97 -33.59
N MET D 24 -35.25 -20.92 -34.09
CA MET D 24 -34.64 -19.70 -34.62
C MET D 24 -34.04 -20.03 -35.98
N SER D 25 -34.28 -19.17 -36.97
CA SER D 25 -33.77 -19.43 -38.31
C SER D 25 -32.49 -18.67 -38.62
N ASN D 26 -32.29 -17.50 -37.99
CA ASN D 26 -31.04 -16.76 -38.16
C ASN D 26 -29.85 -17.47 -37.52
N LEU D 27 -30.09 -18.53 -36.77
CA LEU D 27 -29.07 -19.19 -35.98
C LEU D 27 -28.39 -20.31 -36.77
N SER D 28 -27.09 -20.47 -36.52
CA SER D 28 -26.31 -21.58 -37.06
C SER D 28 -25.66 -22.33 -35.91
N VAL D 29 -25.62 -23.65 -36.02
CA VAL D 29 -25.04 -24.51 -34.99
C VAL D 29 -23.90 -25.31 -35.60
N VAL D 30 -22.78 -25.41 -34.88
CA VAL D 30 -21.64 -26.19 -35.32
C VAL D 30 -21.13 -27.01 -34.14
N ASN D 31 -20.83 -28.29 -34.40
CA ASN D 31 -20.33 -29.20 -33.37
C ASN D 31 -18.81 -29.29 -33.50
N TYR D 32 -18.11 -28.50 -32.69
CA TYR D 32 -16.64 -28.53 -32.63
C TYR D 32 -16.13 -29.94 -32.40
N GLY D 33 -16.90 -30.78 -31.71
CA GLY D 33 -16.50 -32.16 -31.51
C GLY D 33 -16.34 -32.90 -32.82
N ASP D 34 -17.30 -32.74 -33.74
CA ASP D 34 -17.19 -33.41 -35.04
C ASP D 34 -15.96 -32.92 -35.80
N VAL D 35 -15.70 -31.61 -35.79
CA VAL D 35 -14.57 -31.07 -36.53
C VAL D 35 -13.26 -31.65 -35.99
N ILE D 36 -13.14 -31.71 -34.67
CA ILE D 36 -11.92 -32.27 -34.08
C ILE D 36 -11.83 -33.77 -34.36
N PHE D 37 -13.00 -34.47 -34.35
CA PHE D 37 -13.03 -35.87 -34.74
C PHE D 37 -12.40 -36.06 -36.11
N GLU D 38 -12.82 -35.25 -37.06
CA GLU D 38 -12.33 -35.38 -38.43
C GLU D 38 -10.84 -35.05 -38.51
N GLU D 39 -10.42 -33.94 -37.91
CA GLU D 39 -9.00 -33.59 -37.94
C GLU D 39 -8.15 -34.71 -37.35
N ALA D 40 -8.55 -35.24 -36.19
CA ALA D 40 -7.80 -36.29 -35.53
C ALA D 40 -7.70 -37.53 -36.42
N LYS D 41 -8.83 -37.99 -36.95
CA LYS D 41 -8.79 -39.15 -37.84
C LYS D 41 -8.03 -38.91 -39.12
N LYS D 42 -7.83 -37.64 -39.50
CA LYS D 42 -7.02 -37.34 -40.68
C LYS D 42 -5.54 -37.38 -40.35
N LEU D 43 -5.15 -36.95 -39.14
CA LEU D 43 -3.73 -36.98 -38.77
C LEU D 43 -3.31 -38.27 -38.09
N TYR D 44 -4.20 -38.90 -37.31
CA TYR D 44 -3.92 -40.18 -36.67
C TYR D 44 -5.02 -41.15 -37.06
N PRO D 45 -5.04 -41.58 -38.32
CA PRO D 45 -6.10 -42.49 -38.78
C PRO D 45 -6.07 -43.84 -38.08
N SER D 46 -4.96 -44.18 -37.42
CA SER D 46 -4.83 -45.48 -36.78
C SER D 46 -5.22 -45.45 -35.31
N ILE D 47 -5.08 -44.31 -34.65
CA ILE D 47 -5.46 -44.20 -33.25
C ILE D 47 -6.94 -43.83 -33.13
N ILE D 48 -7.45 -43.01 -34.04
CA ILE D 48 -8.76 -42.40 -33.92
C ILE D 48 -9.75 -43.16 -34.77
N GLN D 49 -10.74 -43.78 -34.13
CA GLN D 49 -11.90 -44.32 -34.83
C GLN D 49 -13.19 -43.85 -34.17
N VAL D 50 -13.14 -43.65 -32.84
CA VAL D 50 -14.27 -43.12 -32.11
C VAL D 50 -13.94 -41.69 -31.68
N ARG D 51 -14.99 -40.98 -31.24
CA ARG D 51 -14.82 -39.59 -30.82
C ARG D 51 -14.01 -39.50 -29.54
N GLU D 52 -14.31 -40.35 -28.57
CA GLU D 52 -13.60 -40.30 -27.30
C GLU D 52 -12.10 -40.49 -27.47
N ASP D 53 -11.68 -41.20 -28.52
CA ASP D 53 -10.26 -41.56 -28.65
C ASP D 53 -9.37 -40.33 -28.60
N THR D 54 -9.82 -39.22 -29.18
CA THR D 54 -8.99 -38.03 -29.25
C THR D 54 -8.52 -37.56 -27.88
N ARG D 55 -9.12 -38.05 -26.80
CA ARG D 55 -8.72 -37.64 -25.47
C ARG D 55 -7.40 -38.27 -25.02
N LYS D 56 -6.80 -39.11 -25.87
CA LYS D 56 -5.58 -39.84 -25.51
C LYS D 56 -4.31 -39.20 -26.06
N LEU D 57 -4.44 -38.16 -26.89
CA LEU D 57 -3.27 -37.61 -27.56
C LEU D 57 -2.37 -36.91 -26.54
N PRO D 58 -1.06 -36.91 -26.75
CA PRO D 58 -0.19 -36.03 -25.96
C PRO D 58 -0.66 -34.59 -26.11
N ARG D 59 -0.31 -33.75 -25.13
CA ARG D 59 -0.85 -32.39 -25.09
C ARG D 59 -0.52 -31.61 -26.37
N ALA D 60 0.73 -31.70 -26.83
CA ALA D 60 1.14 -30.90 -27.98
C ALA D 60 0.26 -31.22 -29.19
N ASP D 61 0.08 -32.51 -29.47
CA ASP D 61 -0.74 -32.91 -30.61
C ASP D 61 -2.20 -32.52 -30.39
N TYR D 62 -2.75 -32.81 -29.21
CA TYR D 62 -4.15 -32.46 -28.93
C TYR D 62 -4.39 -30.97 -29.17
N ARG D 63 -3.45 -30.14 -28.71
CA ARG D 63 -3.53 -28.71 -28.91
C ARG D 63 -3.52 -28.35 -30.39
N ASN D 64 -2.60 -28.94 -31.15
CA ASN D 64 -2.59 -28.70 -32.59
C ASN D 64 -3.94 -29.03 -33.20
N ILE D 65 -4.56 -30.12 -32.76
CA ILE D 65 -5.83 -30.54 -33.34
C ILE D 65 -6.91 -29.54 -32.97
N GLN D 66 -6.95 -29.11 -31.70
CA GLN D 66 -7.92 -28.09 -31.29
C GLN D 66 -7.80 -26.84 -32.16
N ILE D 67 -6.56 -26.39 -32.39
CA ILE D 67 -6.34 -25.15 -33.14
C ILE D 67 -6.78 -25.33 -34.59
N GLU D 68 -6.38 -26.44 -35.22
CA GLU D 68 -6.71 -26.65 -36.62
C GLU D 68 -8.23 -26.72 -36.80
N ALA D 69 -8.92 -27.45 -35.92
CA ALA D 69 -10.37 -27.53 -36.01
C ALA D 69 -11.02 -26.17 -35.78
N ALA D 70 -10.50 -25.42 -34.82
CA ALA D 70 -11.07 -24.12 -34.52
C ALA D 70 -10.99 -23.15 -35.69
N LYS D 71 -9.91 -23.22 -36.45
CA LYS D 71 -9.72 -22.31 -37.57
C LYS D 71 -10.82 -22.47 -38.60
N LYS D 72 -11.41 -23.66 -38.63
CA LYS D 72 -12.48 -23.94 -39.58
C LYS D 72 -13.80 -23.23 -39.35
N ILE D 73 -14.05 -22.69 -38.17
CA ILE D 73 -15.33 -22.04 -37.91
C ILE D 73 -15.67 -20.80 -38.76
N SER D 74 -14.72 -19.91 -38.97
CA SER D 74 -14.93 -18.77 -39.86
C SER D 74 -15.67 -17.50 -39.44
N LEU D 75 -16.11 -17.37 -38.19
CA LEU D 75 -16.78 -16.13 -37.80
C LEU D 75 -17.92 -15.69 -38.74
N ILE D 76 -18.87 -16.57 -39.01
CA ILE D 76 -19.99 -16.24 -39.87
C ILE D 76 -20.73 -15.08 -39.23
N THR D 77 -21.12 -14.08 -40.02
CA THR D 77 -21.77 -12.92 -39.42
C THR D 77 -23.17 -13.38 -39.10
N ASP D 78 -23.22 -14.44 -38.31
CA ASP D 78 -24.46 -15.04 -37.92
C ASP D 78 -24.37 -15.37 -36.46
N ASN D 79 -25.52 -15.50 -35.82
CA ASN D 79 -25.52 -15.87 -34.44
C ASN D 79 -25.14 -17.32 -34.55
N LEU D 80 -24.12 -17.71 -33.81
CA LEU D 80 -23.69 -19.05 -33.82
C LEU D 80 -23.61 -19.69 -32.51
N ILE D 81 -23.96 -20.95 -32.47
CA ILE D 81 -23.87 -21.81 -31.30
C ILE D 81 -22.78 -22.84 -31.57
N VAL D 82 -21.82 -22.93 -30.65
CA VAL D 82 -20.69 -23.83 -30.78
C VAL D 82 -20.86 -24.92 -29.73
N ASP D 83 -21.20 -26.12 -30.19
CA ASP D 83 -21.33 -27.30 -29.34
C ASP D 83 -19.94 -27.82 -29.01
N THR D 84 -19.59 -27.82 -27.73
CA THR D 84 -18.30 -28.36 -27.31
C THR D 84 -18.33 -28.61 -25.82
N HIS D 85 -17.16 -28.87 -25.24
CA HIS D 85 -17.00 -29.21 -23.84
C HIS D 85 -16.05 -28.23 -23.17
N MET D 86 -16.27 -28.00 -21.88
CA MET D 86 -15.38 -27.14 -21.11
C MET D 86 -14.11 -27.88 -20.70
N SER D 87 -14.22 -29.18 -20.45
CA SER D 87 -13.08 -30.00 -20.12
C SER D 87 -13.39 -31.43 -20.51
N LEU D 88 -12.34 -32.22 -20.70
CA LEU D 88 -12.48 -33.60 -21.16
C LEU D 88 -11.68 -34.51 -20.24
N LYS D 89 -12.27 -35.65 -19.91
CA LYS D 89 -11.66 -36.59 -18.97
C LYS D 89 -10.69 -37.48 -19.73
N THR D 90 -9.40 -37.32 -19.45
CA THR D 90 -8.32 -38.08 -20.05
C THR D 90 -7.66 -38.95 -18.98
N PRO D 91 -6.88 -39.95 -19.40
CA PRO D 91 -6.14 -40.75 -18.40
C PRO D 91 -5.36 -39.90 -17.43
N TYR D 92 -4.98 -38.68 -17.85
CA TYR D 92 -4.14 -37.81 -17.06
C TYR D 92 -4.92 -36.82 -16.20
N GLY D 93 -6.24 -36.75 -16.35
CA GLY D 93 -7.06 -35.82 -15.62
C GLY D 93 -7.95 -35.05 -16.56
N PHE D 94 -8.52 -33.96 -16.08
CA PHE D 94 -9.35 -33.10 -16.93
C PHE D 94 -8.45 -32.20 -17.77
N TYR D 95 -8.80 -32.06 -19.05
CA TYR D 95 -8.03 -31.31 -20.02
C TYR D 95 -8.91 -30.20 -20.60
N PRO D 96 -8.43 -28.96 -20.67
CA PRO D 96 -9.31 -27.85 -21.07
C PRO D 96 -9.83 -28.01 -22.49
N GLY D 97 -11.13 -27.76 -22.65
CA GLY D 97 -11.72 -27.73 -23.98
C GLY D 97 -11.41 -26.47 -24.76
N LEU D 98 -11.05 -25.39 -24.08
CA LEU D 98 -10.70 -24.14 -24.73
C LEU D 98 -9.34 -23.67 -24.22
N ILE D 99 -8.53 -23.16 -25.14
CA ILE D 99 -7.21 -22.64 -24.81
C ILE D 99 -7.05 -21.30 -25.52
N PRO D 100 -6.18 -20.43 -25.00
CA PRO D 100 -6.16 -19.04 -25.51
C PRO D 100 -6.19 -18.90 -27.03
N GLU D 101 -5.45 -19.74 -27.75
CA GLU D 101 -5.46 -19.66 -29.21
C GLU D 101 -6.88 -19.90 -29.74
N THR D 102 -7.53 -20.99 -29.30
CA THR D 102 -8.86 -21.28 -29.83
C THR D 102 -9.88 -20.24 -29.39
N ILE D 103 -9.69 -19.64 -28.21
CA ILE D 103 -10.59 -18.55 -27.81
C ILE D 103 -10.42 -17.36 -28.75
N ASN D 104 -9.18 -17.04 -29.11
CA ASN D 104 -8.94 -15.93 -30.02
C ASN D 104 -9.42 -16.24 -31.44
N ILE D 105 -9.48 -17.53 -31.81
CA ILE D 105 -9.95 -17.89 -33.15
C ILE D 105 -11.47 -17.91 -33.19
N ILE D 106 -12.11 -18.51 -32.20
CA ILE D 106 -13.56 -18.64 -32.18
C ILE D 106 -14.22 -17.40 -31.56
N GLN D 107 -13.55 -16.77 -30.59
CA GLN D 107 -14.04 -15.53 -29.99
C GLN D 107 -15.49 -15.65 -29.53
N PRO D 108 -15.80 -16.53 -28.59
CA PRO D 108 -17.18 -16.62 -28.11
C PRO D 108 -17.51 -15.43 -27.23
N ASP D 109 -18.73 -14.92 -27.39
CA ASP D 109 -19.20 -13.85 -26.52
C ASP D 109 -19.68 -14.38 -25.18
N GLY D 110 -20.16 -15.63 -25.14
CA GLY D 110 -20.57 -16.20 -23.86
C GLY D 110 -20.53 -17.71 -23.86
N ILE D 111 -20.62 -18.26 -22.66
CA ILE D 111 -20.69 -19.71 -22.45
C ILE D 111 -21.99 -20.03 -21.73
N ILE D 112 -22.60 -21.14 -22.11
CA ILE D 112 -23.85 -21.62 -21.52
C ILE D 112 -23.65 -23.03 -21.00
N LEU D 113 -23.80 -23.18 -19.68
CA LEU D 113 -23.57 -24.44 -18.98
C LEU D 113 -24.92 -25.08 -18.68
N LEU D 114 -25.14 -26.29 -19.19
CA LEU D 114 -26.32 -27.06 -18.80
C LEU D 114 -25.91 -28.00 -17.67
N GLU D 115 -26.40 -27.73 -16.45
CA GLU D 115 -26.00 -28.51 -15.28
C GLU D 115 -27.16 -29.41 -14.84
N PHE D 116 -26.91 -30.72 -14.83
CA PHE D 116 -27.94 -31.73 -14.57
C PHE D 116 -27.67 -32.47 -13.25
N ASN D 117 -28.61 -33.40 -12.92
CA ASN D 117 -28.40 -34.39 -11.86
C ASN D 117 -27.78 -35.65 -12.45
N PRO D 118 -26.68 -36.16 -11.90
CA PRO D 118 -25.96 -37.26 -12.58
C PRO D 118 -26.80 -38.47 -12.94
N ARG D 119 -27.92 -38.72 -12.24
CA ARG D 119 -28.75 -39.87 -12.57
C ARG D 119 -29.27 -39.77 -13.99
N ASP D 120 -29.79 -38.60 -14.36
CA ASP D 120 -30.27 -38.41 -15.73
C ASP D 120 -29.15 -38.72 -16.70
N VAL D 121 -27.94 -38.21 -16.42
CA VAL D 121 -26.82 -38.41 -17.34
C VAL D 121 -26.56 -39.90 -17.53
N ILE D 122 -26.46 -40.65 -16.43
CA ILE D 122 -26.19 -42.08 -16.54
C ILE D 122 -27.30 -42.77 -17.32
N ALA D 123 -28.55 -42.43 -17.02
CA ALA D 123 -29.68 -43.02 -17.74
C ALA D 123 -29.52 -42.82 -19.24
N ARG D 124 -29.24 -41.59 -19.66
CA ARG D 124 -29.21 -41.28 -21.09
C ARG D 124 -28.00 -41.91 -21.78
N ARG D 125 -26.85 -41.93 -21.10
CA ARG D 125 -25.69 -42.60 -21.66
C ARG D 125 -25.98 -44.07 -21.91
N GLU D 126 -26.49 -44.77 -20.90
CA GLU D 126 -26.76 -46.20 -21.08
C GLU D 126 -27.89 -46.42 -22.08
N LYS D 127 -28.84 -45.50 -22.18
CA LYS D 127 -29.87 -45.59 -23.21
C LYS D 127 -29.22 -45.58 -24.60
N ASP D 128 -28.34 -44.65 -24.85
CA ASP D 128 -27.65 -44.59 -26.14
C ASP D 128 -26.74 -45.80 -26.32
N ARG D 129 -26.24 -46.37 -25.26
CA ARG D 129 -25.39 -47.55 -25.36
C ARG D 129 -26.20 -48.78 -25.77
N LEU D 130 -27.40 -48.93 -25.20
CA LEU D 130 -28.22 -50.10 -25.50
C LEU D 130 -28.67 -50.12 -26.95
N ALA D 131 -28.87 -48.95 -27.56
CA ALA D 131 -29.34 -48.87 -28.93
C ALA D 131 -28.20 -48.75 -29.94
N GLY D 132 -26.98 -49.09 -29.55
CA GLY D 132 -25.87 -49.20 -30.48
C GLY D 132 -25.39 -47.91 -31.10
N LYS D 133 -25.39 -46.81 -30.35
CA LYS D 133 -24.86 -45.56 -30.86
C LYS D 133 -24.27 -44.75 -29.72
N ARG D 134 -23.09 -44.17 -29.97
CA ARG D 134 -22.33 -43.50 -28.92
C ARG D 134 -22.03 -44.48 -27.79
N VAL D 135 -21.70 -45.72 -28.18
CA VAL D 135 -21.42 -46.79 -27.23
C VAL D 135 -20.20 -46.49 -26.38
N THR D 136 -19.30 -45.63 -26.87
CA THR D 136 -18.01 -45.41 -26.26
C THR D 136 -18.01 -44.30 -25.22
N ARG D 137 -19.15 -43.70 -24.93
CA ARG D 137 -19.19 -42.69 -23.90
C ARG D 137 -18.83 -43.38 -22.59
N ASP D 138 -18.07 -42.72 -21.74
CA ASP D 138 -17.61 -43.29 -20.48
C ASP D 138 -18.79 -43.82 -19.68
N MET D 139 -18.51 -44.78 -18.82
CA MET D 139 -19.44 -45.24 -17.80
C MET D 139 -18.87 -44.81 -16.45
N GLU D 140 -19.60 -43.92 -15.76
CA GLU D 140 -19.07 -43.21 -14.61
C GLU D 140 -20.06 -43.28 -13.45
N SER D 141 -19.51 -43.25 -12.23
CA SER D 141 -20.36 -43.14 -11.05
C SER D 141 -20.98 -41.76 -10.98
N GLU D 142 -22.01 -41.63 -10.13
CA GLU D 142 -22.62 -40.33 -9.92
C GLU D 142 -21.60 -39.30 -9.43
N THR D 143 -20.74 -39.70 -8.48
CA THR D 143 -19.78 -38.75 -7.93
C THR D 143 -18.79 -38.26 -8.99
N ASP D 144 -18.30 -39.17 -9.83
CA ASP D 144 -17.37 -38.76 -10.88
C ASP D 144 -18.04 -37.81 -11.88
N ILE D 145 -19.32 -38.04 -12.18
CA ILE D 145 -20.02 -37.15 -13.11
C ILE D 145 -20.24 -35.79 -12.46
N LEU D 146 -20.62 -35.76 -11.18
CA LEU D 146 -20.76 -34.50 -10.46
C LEU D 146 -19.43 -33.76 -10.44
N LEU D 147 -18.34 -34.48 -10.26
CA LEU D 147 -17.01 -33.90 -10.32
C LEU D 147 -16.77 -33.26 -11.68
N HIS D 148 -17.06 -33.99 -12.76
CA HIS D 148 -16.87 -33.44 -14.10
C HIS D 148 -17.68 -32.17 -14.27
N GLN D 149 -18.90 -32.13 -13.72
CA GLN D 149 -19.73 -30.95 -13.87
C GLN D 149 -19.16 -29.75 -13.12
N GLN D 150 -18.75 -29.97 -11.87
CA GLN D 150 -18.15 -28.89 -11.09
C GLN D 150 -16.90 -28.35 -11.77
N VAL D 151 -16.08 -29.25 -12.32
CA VAL D 151 -14.87 -28.83 -13.01
C VAL D 151 -15.20 -28.07 -14.29
N ASN D 152 -16.26 -28.49 -15.00
CA ASN D 152 -16.71 -27.73 -16.16
C ASN D 152 -17.07 -26.30 -15.76
N ARG D 153 -17.78 -26.14 -14.65
CA ARG D 153 -18.13 -24.80 -14.20
C ARG D 153 -16.89 -23.97 -13.89
N MET D 154 -15.94 -24.57 -13.16
CA MET D 154 -14.71 -23.84 -12.82
C MET D 154 -13.96 -23.43 -14.08
N PHE D 155 -13.91 -24.31 -15.08
CA PHE D 155 -13.24 -23.96 -16.33
C PHE D 155 -13.97 -22.78 -16.98
N ALA D 156 -15.29 -22.79 -16.98
CA ALA D 156 -16.03 -21.69 -17.57
C ALA D 156 -15.64 -20.37 -16.93
N VAL D 157 -15.60 -20.34 -15.60
CA VAL D 157 -15.25 -19.10 -14.91
C VAL D 157 -13.81 -18.71 -15.20
N SER D 158 -12.91 -19.68 -15.36
CA SER D 158 -11.52 -19.36 -15.69
C SER D 158 -11.43 -18.72 -17.08
N TYR D 159 -12.09 -19.33 -18.06
CA TYR D 159 -12.15 -18.76 -19.40
C TYR D 159 -12.70 -17.34 -19.37
N SER D 160 -13.73 -17.11 -18.54
CA SER D 160 -14.30 -15.77 -18.44
C SER D 160 -13.30 -14.80 -17.83
N ALA D 161 -12.63 -15.20 -16.75
CA ALA D 161 -11.63 -14.36 -16.12
C ALA D 161 -10.54 -13.96 -17.12
N ILE D 162 -10.20 -14.85 -18.05
CA ILE D 162 -9.16 -14.46 -19.00
C ILE D 162 -9.73 -13.66 -20.18
N ASN D 163 -11.00 -13.87 -20.54
CA ASN D 163 -11.57 -13.25 -21.74
C ASN D 163 -12.80 -12.40 -21.50
N GLN D 164 -13.23 -12.22 -20.25
CA GLN D 164 -14.37 -11.37 -19.95
C GLN D 164 -15.60 -11.75 -20.76
N CYS D 165 -15.84 -13.04 -20.89
CA CYS D 165 -17.05 -13.54 -21.54
C CYS D 165 -18.10 -13.88 -20.49
N TYR D 166 -19.36 -13.92 -20.94
CA TYR D 166 -20.44 -14.26 -20.05
C TYR D 166 -20.38 -15.74 -19.68
N VAL D 167 -20.87 -16.07 -18.48
CA VAL D 167 -21.04 -17.45 -18.04
C VAL D 167 -22.46 -17.59 -17.53
N LYS D 168 -23.32 -18.26 -18.31
CA LYS D 168 -24.70 -18.46 -17.94
C LYS D 168 -24.91 -19.92 -17.57
N ILE D 169 -25.36 -20.15 -16.34
CA ILE D 169 -25.57 -21.50 -15.81
C ILE D 169 -27.06 -21.76 -15.79
N ILE D 170 -27.49 -22.80 -16.49
CA ILE D 170 -28.88 -23.22 -16.55
C ILE D 170 -29.03 -24.50 -15.74
N ASP D 171 -29.82 -24.42 -14.67
CA ASP D 171 -30.03 -25.52 -13.74
C ASP D 171 -31.13 -26.42 -14.27
N LEU D 172 -30.77 -27.66 -14.61
CA LEU D 172 -31.70 -28.72 -14.96
C LEU D 172 -31.51 -29.91 -14.03
N THR D 173 -31.11 -29.65 -12.79
CA THR D 173 -30.98 -30.71 -11.80
C THR D 173 -32.32 -31.21 -11.31
N TRP D 174 -33.38 -30.41 -11.46
CA TRP D 174 -34.69 -30.80 -10.99
C TRP D 174 -35.21 -32.00 -11.77
N PRO D 175 -36.18 -32.72 -11.22
CA PRO D 175 -36.64 -33.97 -11.87
C PRO D 175 -37.59 -33.69 -13.02
N GLN D 176 -37.49 -34.52 -14.05
CA GLN D 176 -38.34 -34.38 -15.23
C GLN D 176 -39.69 -35.04 -14.98
N GLU D 177 -40.77 -34.26 -15.07
CA GLU D 177 -42.11 -34.83 -15.03
C GLU D 177 -42.36 -35.69 -16.27
N TYR D 178 -41.95 -35.18 -17.43
CA TYR D 178 -42.08 -35.91 -18.68
C TYR D 178 -40.75 -35.80 -19.41
N GLU D 179 -40.44 -36.75 -20.29
CA GLU D 179 -39.16 -36.71 -20.97
C GLU D 179 -38.98 -35.45 -21.80
N PHE D 180 -37.76 -34.90 -21.72
CA PHE D 180 -37.39 -33.70 -22.46
C PHE D 180 -37.90 -32.38 -21.89
N GLN D 181 -38.42 -32.39 -20.67
CA GLN D 181 -38.90 -31.15 -20.09
C GLN D 181 -37.68 -30.25 -19.96
N HIS D 182 -36.58 -30.84 -19.52
CA HIS D 182 -35.32 -30.12 -19.42
C HIS D 182 -35.04 -29.35 -20.70
N THR D 183 -35.22 -30.00 -21.85
CA THR D 183 -34.89 -29.40 -23.13
C THR D 183 -35.73 -28.15 -23.39
N GLU D 184 -37.04 -28.25 -23.20
CA GLU D 184 -37.90 -27.10 -23.51
C GLU D 184 -37.62 -25.95 -22.56
N TYR D 185 -37.41 -26.24 -21.27
CA TYR D 185 -36.99 -25.19 -20.34
C TYR D 185 -35.73 -24.50 -20.85
N ALA D 186 -34.73 -25.29 -21.25
CA ALA D 186 -33.45 -24.73 -21.65
C ALA D 186 -33.58 -23.90 -22.92
N VAL D 187 -34.27 -24.43 -23.94
CA VAL D 187 -34.41 -23.70 -25.19
C VAL D 187 -35.14 -22.39 -24.93
N ASN D 188 -36.16 -22.41 -24.06
CA ASN D 188 -36.89 -21.17 -23.81
C ASN D 188 -36.00 -20.14 -23.11
N LYS D 189 -35.23 -20.57 -22.10
CA LYS D 189 -34.30 -19.64 -21.46
C LYS D 189 -33.33 -19.05 -22.48
N ILE D 190 -32.77 -19.89 -23.35
CA ILE D 190 -31.79 -19.42 -24.32
C ILE D 190 -32.45 -18.45 -25.29
N ILE D 191 -33.61 -18.82 -25.84
CA ILE D 191 -34.33 -17.91 -26.74
C ILE D 191 -34.52 -16.56 -26.07
N GLU D 192 -34.99 -16.56 -24.81
CA GLU D 192 -35.14 -15.30 -24.09
C GLU D 192 -33.83 -14.52 -24.08
N MET D 193 -32.71 -15.23 -23.96
CA MET D 193 -31.41 -14.55 -24.05
C MET D 193 -31.23 -13.91 -25.43
N LEU D 194 -31.35 -14.71 -26.49
CA LEU D 194 -31.01 -14.21 -27.82
C LEU D 194 -31.82 -12.98 -28.20
N ASN D 195 -33.03 -12.86 -27.68
CA ASN D 195 -33.92 -11.73 -27.99
C ASN D 195 -33.76 -10.70 -26.88
N PHE D 196 -33.15 -9.57 -27.22
CA PHE D 196 -32.88 -8.53 -26.23
C PHE D 196 -32.65 -7.17 -26.86
N MET E 1 -2.84 -1.32 3.10
CA MET E 1 -3.03 -2.28 1.99
C MET E 1 -4.35 -2.04 1.29
N ARG E 2 -4.51 -2.62 0.10
CA ARG E 2 -5.70 -2.43 -0.71
C ARG E 2 -6.48 -3.74 -0.80
N PHE E 3 -7.78 -3.66 -0.48
CA PHE E 3 -8.66 -4.81 -0.46
C PHE E 3 -9.95 -4.46 -1.19
N ILE E 4 -10.41 -5.40 -1.99
CA ILE E 4 -11.75 -5.36 -2.55
C ILE E 4 -12.68 -6.03 -1.56
N LEU E 5 -13.87 -5.47 -1.35
CA LEU E 5 -14.85 -6.03 -0.43
C LEU E 5 -16.09 -6.39 -1.23
N THR E 6 -16.54 -7.65 -1.12
CA THR E 6 -17.61 -8.10 -1.99
C THR E 6 -18.57 -9.02 -1.26
N GLY E 7 -19.77 -9.12 -1.81
CA GLY E 7 -20.82 -9.94 -1.27
C GLY E 7 -21.93 -10.02 -2.29
N VAL E 8 -22.86 -10.93 -2.10
CA VAL E 8 -23.98 -11.01 -3.02
C VAL E 8 -24.73 -9.71 -2.74
N PRO E 9 -25.46 -9.19 -3.80
CA PRO E 9 -26.13 -7.92 -3.48
C PRO E 9 -27.13 -8.02 -2.34
N GLY E 10 -27.17 -6.99 -1.50
CA GLY E 10 -28.07 -6.93 -0.37
C GLY E 10 -27.69 -7.67 0.90
N ALA E 11 -26.45 -8.15 0.97
CA ALA E 11 -26.00 -8.89 2.14
C ALA E 11 -25.45 -8.03 3.28
N GLY E 12 -25.27 -6.74 3.05
CA GLY E 12 -24.73 -5.87 4.08
C GLY E 12 -23.25 -5.58 4.01
N LYS E 13 -22.61 -5.73 2.85
CA LYS E 13 -21.21 -5.34 2.75
C LYS E 13 -21.03 -3.84 2.90
N THR E 14 -21.92 -3.07 2.30
CA THR E 14 -21.83 -1.63 2.36
C THR E 14 -21.94 -1.17 3.81
N THR E 15 -22.85 -1.78 4.54
CA THR E 15 -23.03 -1.44 5.94
C THR E 15 -21.73 -1.79 6.68
N VAL E 16 -21.13 -2.90 6.30
CA VAL E 16 -19.89 -3.31 6.92
C VAL E 16 -18.80 -2.26 6.67
N CYS E 17 -18.76 -1.74 5.46
CA CYS E 17 -17.76 -0.73 5.11
C CYS E 17 -17.91 0.55 5.92
N ASN E 18 -19.14 1.01 6.10
CA ASN E 18 -19.38 2.22 6.87
C ASN E 18 -19.00 2.05 8.32
N LYS E 19 -19.36 0.90 8.89
CA LYS E 19 -19.03 0.65 10.27
C LYS E 19 -17.52 0.60 10.40
N LEU E 20 -16.88 0.04 9.38
CA LEU E 20 -15.44 -0.09 9.37
C LEU E 20 -14.81 1.29 9.41
N ALA E 21 -15.34 2.20 8.61
CA ALA E 21 -14.79 3.54 8.61
C ALA E 21 -14.97 4.16 9.97
N GLU E 22 -16.14 4.00 10.57
CA GLU E 22 -16.36 4.62 11.87
C GLU E 22 -15.34 4.10 12.84
N LYS E 23 -15.11 2.79 12.82
CA LYS E 23 -14.16 2.18 13.73
C LYS E 23 -12.69 2.54 13.52
N MET E 24 -12.28 2.66 12.26
CA MET E 24 -10.89 2.93 11.93
C MET E 24 -10.80 4.24 11.20
N SER E 25 -9.90 5.11 11.61
CA SER E 25 -9.83 6.42 10.97
C SER E 25 -8.86 6.51 9.80
N ASN E 26 -7.75 5.76 9.81
CA ASN E 26 -6.84 5.82 8.68
C ASN E 26 -7.45 5.25 7.41
N LEU E 27 -8.60 4.61 7.50
CA LEU E 27 -9.19 3.88 6.39
C LEU E 27 -10.03 4.79 5.50
N SER E 28 -10.15 4.40 4.23
CA SER E 28 -11.21 4.94 3.38
C SER E 28 -11.91 3.81 2.64
N VAL E 29 -13.19 4.05 2.36
CA VAL E 29 -14.03 3.15 1.60
C VAL E 29 -14.54 3.91 0.37
N VAL E 30 -14.62 3.21 -0.75
CA VAL E 30 -15.18 3.77 -1.97
C VAL E 30 -16.17 2.76 -2.54
N ASN E 31 -17.39 3.22 -2.83
CA ASN E 31 -18.44 2.36 -3.37
C ASN E 31 -18.37 2.44 -4.90
N TYR E 32 -17.71 1.46 -5.49
CA TYR E 32 -17.51 1.40 -6.90
C TYR E 32 -18.86 1.42 -7.60
N GLY E 33 -19.87 0.83 -6.96
CA GLY E 33 -21.17 0.77 -7.56
C GLY E 33 -21.72 2.15 -7.82
N ASP E 34 -21.51 3.06 -6.88
CA ASP E 34 -21.99 4.43 -7.05
C ASP E 34 -21.31 5.13 -8.22
N VAL E 35 -19.99 4.98 -8.30
CA VAL E 35 -19.25 5.62 -9.37
C VAL E 35 -19.69 5.05 -10.69
N ILE E 36 -19.84 3.72 -10.66
CA ILE E 36 -20.25 3.08 -11.89
C ILE E 36 -21.60 3.60 -12.30
N PHE E 37 -22.51 3.76 -11.41
CA PHE E 37 -23.84 4.23 -11.73
C PHE E 37 -23.78 5.63 -12.31
N GLU E 38 -23.00 6.50 -11.68
CA GLU E 38 -22.94 7.86 -12.17
C GLU E 38 -22.38 7.87 -13.57
N GLU E 39 -21.34 7.09 -13.80
CA GLU E 39 -20.73 7.05 -15.11
C GLU E 39 -21.65 6.50 -16.18
N ALA E 40 -22.40 5.47 -15.82
CA ALA E 40 -23.28 4.79 -16.75
C ALA E 40 -24.36 5.70 -17.25
N LYS E 41 -24.90 6.50 -16.35
CA LYS E 41 -25.96 7.41 -16.75
C LYS E 41 -25.41 8.59 -17.53
N LYS E 42 -24.19 9.03 -17.20
CA LYS E 42 -23.60 10.13 -17.95
C LYS E 42 -23.44 9.75 -19.42
N LEU E 43 -23.22 8.47 -19.73
CA LEU E 43 -23.02 8.07 -21.12
C LEU E 43 -24.30 7.57 -21.81
N TYR E 44 -25.18 6.88 -21.10
CA TYR E 44 -26.40 6.39 -21.71
C TYR E 44 -27.67 6.78 -20.97
N PRO E 45 -27.98 8.07 -20.97
CA PRO E 45 -29.07 8.58 -20.13
C PRO E 45 -30.41 7.92 -20.39
N SER E 46 -30.59 7.29 -21.54
CA SER E 46 -31.88 6.71 -21.90
C SER E 46 -32.04 5.26 -21.47
N ILE E 47 -30.95 4.55 -21.38
CA ILE E 47 -31.06 3.17 -20.99
C ILE E 47 -30.93 2.93 -19.51
N ILE E 48 -30.30 3.85 -18.80
CA ILE E 48 -30.12 3.64 -17.38
C ILE E 48 -30.94 4.54 -16.49
N GLN E 49 -31.85 3.95 -15.73
CA GLN E 49 -32.65 4.72 -14.82
C GLN E 49 -32.44 4.21 -13.42
N VAL E 50 -31.98 2.99 -13.31
CA VAL E 50 -31.70 2.39 -12.03
C VAL E 50 -30.36 1.73 -12.17
N ARG E 51 -29.78 1.35 -11.06
CA ARG E 51 -28.50 0.68 -11.10
C ARG E 51 -28.52 -0.67 -11.76
N GLU E 52 -29.51 -1.48 -11.46
CA GLU E 52 -29.56 -2.79 -12.10
C GLU E 52 -29.71 -2.71 -13.61
N ASP E 53 -29.75 -1.49 -14.15
CA ASP E 53 -29.80 -1.34 -15.60
C ASP E 53 -28.43 -1.49 -16.25
N THR E 54 -27.36 -1.17 -15.51
CA THR E 54 -26.03 -1.20 -16.13
C THR E 54 -25.67 -2.58 -16.66
N ARG E 55 -26.26 -3.62 -16.10
CA ARG E 55 -25.99 -4.96 -16.54
C ARG E 55 -26.44 -5.24 -17.96
N LYS E 56 -27.46 -4.53 -18.39
CA LYS E 56 -28.07 -4.78 -19.69
C LYS E 56 -27.22 -4.27 -20.85
N LEU E 57 -26.11 -3.62 -20.55
CA LEU E 57 -25.28 -2.97 -21.55
C LEU E 57 -24.47 -3.98 -22.34
N PRO E 58 -24.32 -3.80 -23.65
CA PRO E 58 -23.38 -4.64 -24.40
C PRO E 58 -22.02 -4.66 -23.76
N ARG E 59 -21.28 -5.74 -24.03
CA ARG E 59 -20.06 -6.03 -23.29
C ARG E 59 -19.00 -4.95 -23.51
N ALA E 60 -18.92 -4.40 -24.72
CA ALA E 60 -17.97 -3.33 -24.98
C ALA E 60 -18.29 -2.10 -24.14
N ASP E 61 -19.54 -1.67 -24.17
CA ASP E 61 -19.96 -0.52 -23.37
C ASP E 61 -19.77 -0.79 -21.88
N TYR E 62 -20.24 -1.94 -21.41
CA TYR E 62 -20.09 -2.28 -20.01
C TYR E 62 -18.63 -2.22 -19.59
N ARG E 63 -17.73 -2.76 -20.42
CA ARG E 63 -16.30 -2.71 -20.14
C ARG E 63 -15.82 -1.27 -20.06
N ASN E 64 -16.20 -0.45 -21.04
CA ASN E 64 -15.81 0.95 -21.05
C ASN E 64 -16.20 1.62 -19.75
N ILE E 65 -17.42 1.35 -19.26
CA ILE E 65 -17.90 2.01 -18.05
C ILE E 65 -17.13 1.51 -16.85
N GLN E 66 -16.88 0.20 -16.77
CA GLN E 66 -16.08 -0.32 -15.68
C GLN E 66 -14.75 0.40 -15.61
N ILE E 67 -14.10 0.58 -16.77
CA ILE E 67 -12.79 1.22 -16.80
C ILE E 67 -12.89 2.68 -16.37
N GLU E 68 -13.84 3.42 -16.96
CA GLU E 68 -13.97 4.84 -16.65
C GLU E 68 -14.26 5.05 -15.17
N ALA E 69 -15.18 4.25 -14.60
CA ALA E 69 -15.44 4.34 -13.17
C ALA E 69 -14.21 4.00 -12.36
N ALA E 70 -13.41 3.03 -12.83
CA ALA E 70 -12.19 2.66 -12.15
C ALA E 70 -11.12 3.74 -12.22
N LYS E 71 -11.22 4.66 -13.18
CA LYS E 71 -10.22 5.73 -13.25
C LYS E 71 -10.41 6.75 -12.14
N LYS E 72 -11.66 7.08 -11.82
CA LYS E 72 -11.93 8.11 -10.80
C LYS E 72 -11.86 7.56 -9.38
N ILE E 73 -10.83 6.78 -9.09
CA ILE E 73 -10.71 6.21 -7.76
C ILE E 73 -9.60 6.86 -7.01
N SER E 74 -9.90 7.37 -5.82
CA SER E 74 -8.90 8.01 -4.99
C SER E 74 -7.85 6.97 -4.63
N LEU E 75 -6.58 7.38 -4.64
CA LEU E 75 -5.49 6.48 -4.32
C LEU E 75 -4.48 7.10 -3.36
N ILE E 76 -3.65 6.25 -2.76
CA ILE E 76 -2.61 6.73 -1.85
C ILE E 76 -3.20 7.15 -0.51
N THR E 77 -4.15 6.35 -0.05
CA THR E 77 -4.83 6.61 1.21
C THR E 77 -4.44 5.58 2.25
N ASP E 78 -3.20 5.13 2.20
CA ASP E 78 -2.73 4.14 3.17
C ASP E 78 -3.69 3.03 2.81
N ASN E 79 -4.55 2.65 3.75
CA ASN E 79 -5.37 1.44 3.67
C ASN E 79 -6.62 1.81 2.94
N LEU E 80 -7.05 0.98 2.00
CA LEU E 80 -8.26 1.33 1.27
C LEU E 80 -9.17 0.13 1.08
N ILE E 81 -10.44 0.39 0.79
CA ILE E 81 -11.42 -0.66 0.60
C ILE E 81 -12.34 -0.26 -0.53
N VAL E 82 -12.55 -1.15 -1.48
CA VAL E 82 -13.41 -0.89 -2.63
C VAL E 82 -14.61 -1.82 -2.55
N ASP E 83 -15.77 -1.24 -2.25
CA ASP E 83 -17.03 -1.97 -2.15
C ASP E 83 -17.56 -2.21 -3.56
N THR E 84 -17.55 -3.47 -3.99
CA THR E 84 -18.02 -3.82 -5.33
C THR E 84 -18.41 -5.29 -5.36
N HIS E 85 -18.63 -5.80 -6.56
CA HIS E 85 -19.05 -7.18 -6.77
C HIS E 85 -18.10 -7.97 -7.63
N MET E 86 -18.03 -9.27 -7.38
CA MET E 86 -17.15 -10.16 -8.13
C MET E 86 -17.77 -10.58 -9.47
N SER E 87 -19.09 -10.57 -9.54
CA SER E 87 -19.80 -10.94 -10.76
C SER E 87 -21.20 -10.36 -10.67
N LEU E 88 -21.83 -10.21 -11.82
CA LEU E 88 -23.15 -9.59 -11.91
C LEU E 88 -24.05 -10.43 -12.79
N LYS E 89 -25.30 -10.59 -12.34
CA LYS E 89 -26.28 -11.41 -13.04
C LYS E 89 -26.92 -10.60 -14.15
N THR E 90 -26.50 -10.85 -15.38
CA THR E 90 -27.00 -10.16 -16.55
C THR E 90 -27.84 -11.11 -17.41
N PRO E 91 -28.65 -10.57 -18.32
CA PRO E 91 -29.46 -11.44 -19.18
C PRO E 91 -28.66 -12.51 -19.90
N TYR E 92 -27.37 -12.25 -20.14
CA TYR E 92 -26.52 -13.16 -20.90
C TYR E 92 -25.70 -14.10 -20.01
N GLY E 93 -25.89 -14.04 -18.69
CA GLY E 93 -25.17 -14.88 -17.76
C GLY E 93 -24.48 -14.02 -16.72
N PHE E 94 -23.50 -14.61 -16.04
CA PHE E 94 -22.71 -13.84 -15.10
C PHE E 94 -21.60 -13.10 -15.83
N TYR E 95 -21.41 -11.83 -15.48
CA TYR E 95 -20.38 -11.01 -16.08
C TYR E 95 -19.37 -10.59 -15.01
N PRO E 96 -18.07 -10.64 -15.31
CA PRO E 96 -17.07 -10.36 -14.27
C PRO E 96 -17.20 -8.94 -13.75
N GLY E 97 -17.15 -8.79 -12.42
CA GLY E 97 -17.09 -7.48 -11.81
C GLY E 97 -15.75 -6.81 -11.91
N LEU E 98 -14.70 -7.59 -12.15
CA LEU E 98 -13.35 -7.07 -12.38
C LEU E 98 -12.85 -7.59 -13.72
N ILE E 99 -12.19 -6.71 -14.47
CA ILE E 99 -11.65 -7.06 -15.78
C ILE E 99 -10.19 -6.64 -15.77
N PRO E 100 -9.28 -7.40 -16.42
CA PRO E 100 -7.84 -7.19 -16.21
C PRO E 100 -7.40 -5.73 -16.10
N GLU E 101 -7.96 -4.88 -16.95
CA GLU E 101 -7.58 -3.46 -16.96
C GLU E 101 -7.87 -2.81 -15.60
N THR E 102 -9.08 -3.02 -15.07
CA THR E 102 -9.43 -2.40 -13.80
C THR E 102 -8.58 -2.95 -12.66
N ILE E 103 -8.24 -4.24 -12.69
CA ILE E 103 -7.35 -4.76 -11.67
C ILE E 103 -6.03 -3.98 -11.76
N ASN E 104 -5.48 -3.85 -12.97
CA ASN E 104 -4.20 -3.16 -13.09
C ASN E 104 -4.29 -1.72 -12.61
N ILE E 105 -5.46 -1.09 -12.73
CA ILE E 105 -5.61 0.26 -12.20
C ILE E 105 -5.62 0.24 -10.67
N ILE E 106 -6.48 -0.58 -10.08
CA ILE E 106 -6.61 -0.57 -8.62
C ILE E 106 -5.46 -1.30 -7.94
N GLN E 107 -4.93 -2.37 -8.56
CA GLN E 107 -3.83 -3.14 -8.00
C GLN E 107 -4.04 -3.46 -6.53
N PRO E 108 -5.04 -4.28 -6.21
CA PRO E 108 -5.34 -4.57 -4.80
C PRO E 108 -4.44 -5.67 -4.25
N ASP E 109 -4.13 -5.54 -2.95
CA ASP E 109 -3.41 -6.61 -2.27
C ASP E 109 -4.30 -7.84 -2.06
N GLY E 110 -5.61 -7.64 -1.94
CA GLY E 110 -6.47 -8.79 -1.71
C GLY E 110 -7.91 -8.55 -2.07
N ILE E 111 -8.66 -9.64 -2.09
CA ILE E 111 -10.11 -9.66 -2.22
C ILE E 111 -10.68 -10.28 -0.96
N ILE E 112 -11.84 -9.79 -0.55
CA ILE E 112 -12.55 -10.27 0.63
C ILE E 112 -13.96 -10.62 0.21
N LEU E 113 -14.35 -11.86 0.44
CA LEU E 113 -15.68 -12.33 0.10
C LEU E 113 -16.47 -12.55 1.39
N LEU E 114 -17.58 -11.83 1.54
CA LEU E 114 -18.50 -12.05 2.65
C LEU E 114 -19.52 -13.09 2.20
N GLU E 115 -19.44 -14.30 2.74
CA GLU E 115 -20.33 -15.38 2.33
C GLU E 115 -21.39 -15.59 3.39
N PHE E 116 -22.64 -15.31 3.04
CA PHE E 116 -23.78 -15.37 3.95
C PHE E 116 -24.65 -16.58 3.64
N ASN E 117 -25.67 -16.76 4.48
CA ASN E 117 -26.74 -17.74 4.23
C ASN E 117 -27.86 -17.06 3.44
N PRO E 118 -28.31 -17.64 2.33
CA PRO E 118 -29.28 -16.95 1.47
C PRO E 118 -30.54 -16.47 2.18
N ARG E 119 -30.93 -17.16 3.25
CA ARG E 119 -32.11 -16.75 3.99
C ARG E 119 -32.00 -15.30 4.44
N ASP E 120 -30.91 -14.98 5.14
CA ASP E 120 -30.70 -13.61 5.59
C ASP E 120 -30.67 -12.64 4.41
N VAL E 121 -30.08 -13.06 3.29
CA VAL E 121 -29.98 -12.18 2.13
C VAL E 121 -31.37 -11.83 1.60
N ILE E 122 -32.22 -12.84 1.42
CA ILE E 122 -33.59 -12.58 0.97
C ILE E 122 -34.28 -11.65 1.96
N ALA E 123 -34.11 -11.91 3.25
CA ALA E 123 -34.71 -11.06 4.27
C ALA E 123 -34.31 -9.61 4.07
N ARG E 124 -33.01 -9.37 3.94
CA ARG E 124 -32.48 -8.02 3.78
C ARG E 124 -32.96 -7.32 2.51
N ARG E 125 -32.95 -8.04 1.40
CA ARG E 125 -33.43 -7.48 0.15
C ARG E 125 -34.90 -7.05 0.29
N GLU E 126 -35.74 -7.94 0.80
CA GLU E 126 -37.17 -7.62 0.90
C GLU E 126 -37.42 -6.52 1.92
N LYS E 127 -36.65 -6.53 3.01
CA LYS E 127 -36.77 -5.47 4.00
C LYS E 127 -36.49 -4.11 3.38
N ASP E 128 -35.41 -3.96 2.61
CA ASP E 128 -35.13 -2.72 1.91
C ASP E 128 -36.19 -2.42 0.85
N ARG E 129 -36.70 -3.49 0.27
CA ARG E 129 -37.70 -3.29 -0.78
C ARG E 129 -38.94 -2.60 -0.22
N LEU E 130 -39.37 -3.00 0.97
CA LEU E 130 -40.57 -2.42 1.55
C LEU E 130 -40.39 -0.93 1.89
N ALA E 131 -39.17 -0.53 2.23
CA ALA E 131 -38.91 0.86 2.63
C ALA E 131 -38.48 1.74 1.46
N GLY E 132 -38.78 1.34 0.23
CA GLY E 132 -38.53 2.18 -0.92
C GLY E 132 -37.08 2.41 -1.28
N LYS E 133 -36.14 1.66 -0.70
CA LYS E 133 -34.75 1.73 -1.08
C LYS E 133 -34.38 0.50 -1.88
N ARG E 134 -33.66 0.70 -2.98
CA ARG E 134 -33.16 -0.39 -3.80
C ARG E 134 -34.25 -1.42 -4.04
N VAL E 135 -35.32 -0.95 -4.69
CA VAL E 135 -36.49 -1.78 -4.98
C VAL E 135 -36.28 -2.69 -6.18
N THR E 136 -35.30 -2.38 -7.03
CA THR E 136 -35.05 -3.15 -8.24
C THR E 136 -33.98 -4.22 -8.05
N ARG E 137 -33.45 -4.39 -6.83
CA ARG E 137 -32.70 -5.59 -6.50
C ARG E 137 -33.47 -6.81 -6.98
N ASP E 138 -32.74 -7.82 -7.44
CA ASP E 138 -33.38 -8.97 -8.06
C ASP E 138 -34.12 -9.82 -7.03
N MET E 139 -35.22 -10.42 -7.47
CA MET E 139 -35.94 -11.42 -6.68
C MET E 139 -35.41 -12.78 -7.10
N GLU E 140 -34.68 -13.44 -6.20
CA GLU E 140 -33.96 -14.65 -6.54
C GLU E 140 -34.30 -15.76 -5.56
N SER E 141 -34.25 -16.99 -6.05
CA SER E 141 -34.42 -18.15 -5.19
C SER E 141 -33.19 -18.32 -4.31
N GLU E 142 -33.34 -19.13 -3.26
CA GLU E 142 -32.20 -19.45 -2.41
C GLU E 142 -31.07 -20.08 -3.24
N THR E 143 -31.41 -21.00 -4.14
CA THR E 143 -30.40 -21.63 -4.97
C THR E 143 -29.77 -20.65 -5.94
N ASP E 144 -30.56 -19.73 -6.49
CA ASP E 144 -30.00 -18.69 -7.35
C ASP E 144 -28.93 -17.89 -6.62
N ILE E 145 -29.20 -17.56 -5.35
CA ILE E 145 -28.28 -16.73 -4.59
C ILE E 145 -27.01 -17.51 -4.25
N LEU E 146 -27.14 -18.78 -3.88
CA LEU E 146 -25.92 -19.56 -3.63
C LEU E 146 -25.13 -19.82 -4.90
N LEU E 147 -25.80 -19.97 -6.04
CA LEU E 147 -25.08 -20.03 -7.31
C LEU E 147 -24.25 -18.76 -7.49
N HIS E 148 -24.88 -17.61 -7.30
CA HIS E 148 -24.16 -16.34 -7.40
C HIS E 148 -22.96 -16.33 -6.48
N GLN E 149 -23.10 -16.87 -5.26
CA GLN E 149 -21.99 -16.84 -4.31
C GLN E 149 -20.84 -17.76 -4.73
N GLN E 150 -21.17 -18.98 -5.16
CA GLN E 150 -20.14 -19.90 -5.62
C GLN E 150 -19.40 -19.33 -6.83
N VAL E 151 -20.13 -18.68 -7.73
CA VAL E 151 -19.49 -18.08 -8.90
C VAL E 151 -18.62 -16.91 -8.49
N ASN E 152 -19.05 -16.13 -7.49
CA ASN E 152 -18.19 -15.07 -6.97
C ASN E 152 -16.88 -15.66 -6.48
N ARG E 153 -16.95 -16.75 -5.71
CA ARG E 153 -15.73 -17.38 -5.21
C ARG E 153 -14.84 -17.84 -6.37
N MET E 154 -15.43 -18.42 -7.40
CA MET E 154 -14.64 -18.91 -8.53
C MET E 154 -13.95 -17.76 -9.27
N PHE E 155 -14.69 -16.68 -9.53
CA PHE E 155 -14.09 -15.51 -10.17
C PHE E 155 -12.95 -14.97 -9.33
N ALA E 156 -13.14 -14.88 -8.02
CA ALA E 156 -12.10 -14.35 -7.15
C ALA E 156 -10.83 -15.18 -7.23
N VAL E 157 -10.97 -16.51 -7.18
CA VAL E 157 -9.80 -17.36 -7.22
C VAL E 157 -9.10 -17.26 -8.58
N SER E 158 -9.87 -17.14 -9.66
CA SER E 158 -9.25 -16.97 -10.97
C SER E 158 -8.44 -15.68 -11.03
N TYR E 159 -9.03 -14.57 -10.58
CA TYR E 159 -8.31 -13.31 -10.52
C TYR E 159 -7.03 -13.45 -9.70
N SER E 160 -7.12 -14.14 -8.56
CA SER E 160 -5.95 -14.30 -7.71
C SER E 160 -4.86 -15.08 -8.41
N ALA E 161 -5.22 -16.13 -9.15
CA ALA E 161 -4.23 -16.88 -9.90
C ALA E 161 -3.57 -16.02 -10.97
N ILE E 162 -4.33 -15.10 -11.57
CA ILE E 162 -3.75 -14.31 -12.65
C ILE E 162 -2.89 -13.17 -12.10
N ASN E 163 -3.30 -12.55 -10.99
CA ASN E 163 -2.72 -11.28 -10.55
C ASN E 163 -2.07 -11.35 -9.17
N GLN E 164 -1.97 -12.54 -8.57
CA GLN E 164 -1.15 -12.76 -7.38
C GLN E 164 -1.61 -11.92 -6.19
N CYS E 165 -2.91 -11.88 -5.95
CA CYS E 165 -3.47 -11.19 -4.79
C CYS E 165 -4.04 -12.20 -3.81
N TYR E 166 -4.27 -11.73 -2.58
CA TYR E 166 -4.88 -12.57 -1.56
C TYR E 166 -6.37 -12.76 -1.82
N VAL E 167 -6.91 -13.86 -1.29
CA VAL E 167 -8.34 -14.14 -1.34
C VAL E 167 -8.75 -14.60 0.04
N LYS E 168 -9.52 -13.78 0.76
CA LYS E 168 -10.00 -14.16 2.07
C LYS E 168 -11.50 -14.41 2.04
N ILE E 169 -11.91 -15.44 2.78
CA ILE E 169 -13.29 -15.88 2.88
C ILE E 169 -13.75 -15.61 4.30
N ILE E 170 -14.73 -14.72 4.45
CA ILE E 170 -15.33 -14.47 5.75
C ILE E 170 -16.67 -15.20 5.79
N ASP E 171 -16.74 -16.19 6.66
CA ASP E 171 -17.92 -17.03 6.84
C ASP E 171 -18.90 -16.32 7.75
N LEU E 172 -19.99 -15.80 7.17
CA LEU E 172 -21.07 -15.18 7.91
C LEU E 172 -22.37 -15.94 7.70
N THR E 173 -22.25 -17.25 7.46
CA THR E 173 -23.41 -18.11 7.28
C THR E 173 -24.09 -18.45 8.60
N TRP E 174 -23.38 -18.29 9.72
CA TRP E 174 -23.94 -18.68 11.01
C TRP E 174 -25.15 -17.82 11.35
N PRO E 175 -26.08 -18.34 12.17
CA PRO E 175 -27.30 -17.59 12.47
C PRO E 175 -27.01 -16.39 13.37
N GLN E 176 -27.70 -15.29 13.10
CA GLN E 176 -27.55 -14.08 13.89
C GLN E 176 -28.39 -14.18 15.16
N GLU E 177 -27.73 -14.07 16.31
CA GLU E 177 -28.44 -13.97 17.58
C GLU E 177 -29.23 -12.67 17.64
N TYR E 178 -28.60 -11.56 17.24
CA TYR E 178 -29.27 -10.27 17.11
C TYR E 178 -28.84 -9.64 15.80
N GLU E 179 -29.62 -8.66 15.35
CA GLU E 179 -29.35 -8.03 14.07
C GLU E 179 -28.00 -7.32 14.08
N PHE E 180 -27.31 -7.37 12.94
CA PHE E 180 -26.01 -6.73 12.72
C PHE E 180 -24.89 -7.40 13.51
N GLN E 181 -25.11 -8.62 13.99
CA GLN E 181 -24.02 -9.40 14.55
C GLN E 181 -23.01 -9.77 13.47
N HIS E 182 -23.50 -10.17 12.29
CA HIS E 182 -22.64 -10.41 11.15
C HIS E 182 -21.68 -9.25 10.94
N THR E 183 -22.21 -8.02 10.98
CA THR E 183 -21.41 -6.84 10.68
C THR E 183 -20.30 -6.66 11.70
N GLU E 184 -20.63 -6.77 12.99
CA GLU E 184 -19.61 -6.59 14.02
C GLU E 184 -18.52 -7.66 13.90
N TYR E 185 -18.93 -8.92 13.70
CA TYR E 185 -17.98 -9.99 13.47
C TYR E 185 -17.04 -9.66 12.32
N ALA E 186 -17.61 -9.31 11.17
CA ALA E 186 -16.80 -9.04 9.98
C ALA E 186 -15.84 -7.88 10.23
N VAL E 187 -16.33 -6.76 10.76
CA VAL E 187 -15.47 -5.61 10.91
C VAL E 187 -14.38 -5.88 11.94
N ASN E 188 -14.70 -6.61 13.01
CA ASN E 188 -13.67 -6.97 13.97
C ASN E 188 -12.55 -7.74 13.28
N LYS E 189 -12.92 -8.74 12.48
CA LYS E 189 -11.91 -9.51 11.76
C LYS E 189 -11.09 -8.62 10.83
N ILE E 190 -11.76 -7.72 10.10
CA ILE E 190 -11.06 -6.92 9.11
C ILE E 190 -10.10 -5.95 9.80
N ILE E 191 -10.56 -5.25 10.84
CA ILE E 191 -9.66 -4.36 11.57
C ILE E 191 -8.48 -5.13 12.13
N GLU E 192 -8.72 -6.34 12.63
CA GLU E 192 -7.59 -7.20 13.03
C GLU E 192 -6.61 -7.36 11.88
N MET E 193 -7.14 -7.53 10.66
CA MET E 193 -6.28 -7.70 9.49
C MET E 193 -5.45 -6.45 9.21
N LEU E 194 -6.12 -5.31 9.03
CA LEU E 194 -5.44 -4.10 8.60
C LEU E 194 -4.33 -3.70 9.56
N ASN E 195 -4.44 -4.10 10.82
CA ASN E 195 -3.42 -3.84 11.83
C ASN E 195 -2.61 -5.12 11.98
N PHE E 196 -1.49 -5.19 11.26
CA PHE E 196 -0.64 -6.38 11.29
C PHE E 196 0.78 -6.03 10.85
N MET F 1 6.83 -37.50 -18.48
CA MET F 1 5.87 -36.37 -18.28
C MET F 1 6.17 -35.60 -17.01
N ARG F 2 5.50 -34.46 -16.85
CA ARG F 2 5.71 -33.58 -15.71
C ARG F 2 4.38 -33.30 -15.02
N PHE F 3 4.37 -33.53 -13.71
CA PHE F 3 3.17 -33.32 -12.91
C PHE F 3 3.52 -32.63 -11.61
N ILE F 4 2.78 -31.57 -11.30
CA ILE F 4 2.82 -30.96 -9.97
C ILE F 4 1.88 -31.76 -9.07
N LEU F 5 2.34 -32.07 -7.86
CA LEU F 5 1.55 -32.86 -6.92
C LEU F 5 1.27 -32.03 -5.68
N THR F 6 -0.01 -31.90 -5.33
CA THR F 6 -0.42 -30.96 -4.31
C THR F 6 -1.50 -31.55 -3.41
N GLY F 7 -1.67 -30.90 -2.27
CA GLY F 7 -2.69 -31.27 -1.31
C GLY F 7 -2.54 -30.35 -0.11
N VAL F 8 -3.50 -30.47 0.81
CA VAL F 8 -3.42 -29.67 2.04
C VAL F 8 -2.22 -30.16 2.84
N PRO F 9 -1.61 -29.32 3.67
CA PRO F 9 -0.44 -29.75 4.42
C PRO F 9 -0.79 -30.69 5.56
N GLY F 10 0.16 -31.58 5.86
CA GLY F 10 0.03 -32.53 6.95
C GLY F 10 -1.12 -33.48 6.73
N ALA F 11 -1.50 -33.64 5.47
CA ALA F 11 -2.61 -34.50 5.09
C ALA F 11 -2.14 -35.80 4.47
N GLY F 12 -0.84 -36.10 4.62
CA GLY F 12 -0.22 -37.29 4.08
C GLY F 12 0.50 -37.22 2.73
N LYS F 13 0.69 -36.03 2.20
CA LYS F 13 1.35 -35.85 0.90
C LYS F 13 2.80 -36.36 0.75
N THR F 14 3.64 -36.10 1.75
CA THR F 14 5.06 -36.53 1.74
C THR F 14 5.20 -38.05 1.76
N THR F 15 4.34 -38.70 2.53
CA THR F 15 4.35 -40.16 2.55
C THR F 15 4.11 -40.74 1.16
N VAL F 16 3.15 -40.16 0.44
CA VAL F 16 2.87 -40.57 -0.93
C VAL F 16 4.10 -40.35 -1.80
N CYS F 17 4.73 -39.18 -1.67
CA CYS F 17 5.92 -38.90 -2.46
C CYS F 17 7.02 -39.93 -2.18
N ASN F 18 7.18 -40.32 -0.92
CA ASN F 18 8.25 -41.24 -0.56
C ASN F 18 7.97 -42.63 -1.09
N LYS F 19 6.73 -43.12 -0.95
CA LYS F 19 6.40 -44.42 -1.53
C LYS F 19 6.51 -44.40 -3.05
N LEU F 20 6.21 -43.25 -3.67
CA LEU F 20 6.44 -43.08 -5.10
C LEU F 20 7.91 -43.28 -5.44
N ALA F 21 8.77 -42.44 -4.87
CA ALA F 21 10.21 -42.57 -5.11
C ALA F 21 10.68 -44.00 -4.86
N GLU F 22 10.06 -44.68 -3.90
CA GLU F 22 10.40 -46.07 -3.62
C GLU F 22 10.07 -46.97 -4.81
N LYS F 23 8.80 -47.00 -5.21
CA LYS F 23 8.33 -48.00 -6.15
C LYS F 23 8.94 -47.86 -7.55
N MET F 24 9.55 -46.71 -7.85
CA MET F 24 10.34 -46.59 -9.07
C MET F 24 11.44 -45.56 -8.83
N SER F 25 12.65 -45.90 -9.26
CA SER F 25 13.79 -44.99 -9.15
C SER F 25 14.00 -44.18 -10.42
N ASN F 26 13.41 -44.62 -11.54
CA ASN F 26 13.42 -43.84 -12.77
C ASN F 26 12.64 -42.54 -12.62
N LEU F 27 11.81 -42.44 -11.58
CA LEU F 27 11.09 -41.22 -11.26
C LEU F 27 11.95 -40.33 -10.39
N SER F 28 11.72 -39.02 -10.50
CA SER F 28 12.33 -38.03 -9.62
C SER F 28 11.22 -37.32 -8.86
N VAL F 29 11.36 -37.25 -7.54
CA VAL F 29 10.43 -36.51 -6.70
C VAL F 29 11.23 -35.43 -5.98
N VAL F 30 10.73 -34.20 -6.01
CA VAL F 30 11.43 -33.05 -5.45
C VAL F 30 10.44 -32.26 -4.62
N ASN F 31 10.82 -31.93 -3.39
CA ASN F 31 10.02 -31.09 -2.51
C ASN F 31 10.40 -29.64 -2.79
N TYR F 32 9.58 -28.97 -3.60
CA TYR F 32 9.86 -27.60 -4.02
C TYR F 32 10.21 -26.70 -2.85
N GLY F 33 9.61 -26.94 -1.68
CA GLY F 33 9.96 -26.16 -0.50
C GLY F 33 11.41 -26.38 -0.08
N ASP F 34 11.85 -27.63 -0.06
CA ASP F 34 13.24 -27.92 0.27
C ASP F 34 14.19 -27.29 -0.73
N VAL F 35 13.81 -27.29 -2.02
CA VAL F 35 14.68 -26.71 -3.04
C VAL F 35 14.81 -25.21 -2.85
N ILE F 36 13.69 -24.53 -2.56
CA ILE F 36 13.78 -23.09 -2.34
C ILE F 36 14.65 -22.86 -1.11
N PHE F 37 14.43 -23.63 -0.04
CA PHE F 37 15.25 -23.50 1.15
C PHE F 37 16.74 -23.53 0.79
N GLU F 38 17.14 -24.57 0.04
CA GLU F 38 18.55 -24.75 -0.29
C GLU F 38 19.06 -23.59 -1.13
N GLU F 39 18.38 -23.27 -2.23
CA GLU F 39 18.82 -22.16 -3.09
C GLU F 39 18.87 -20.84 -2.32
N ALA F 40 17.83 -20.57 -1.54
CA ALA F 40 17.76 -19.31 -0.81
C ALA F 40 18.98 -19.14 0.08
N LYS F 41 19.26 -20.12 0.94
CA LYS F 41 20.47 -19.98 1.75
C LYS F 41 21.72 -19.96 0.88
N LYS F 42 21.66 -20.57 -0.30
CA LYS F 42 22.79 -20.48 -1.21
C LYS F 42 23.09 -19.03 -1.57
N LEU F 43 22.07 -18.17 -1.58
CA LEU F 43 22.32 -16.78 -2.01
C LEU F 43 22.54 -15.79 -0.87
N TYR F 44 21.85 -15.90 0.27
CA TYR F 44 22.06 -14.99 1.41
C TYR F 44 22.31 -15.77 2.69
N PRO F 45 23.53 -16.22 2.86
CA PRO F 45 23.90 -17.08 3.98
C PRO F 45 23.75 -16.56 5.40
N VAL F 50 17.22 -20.82 8.75
CA VAL F 50 16.27 -21.93 8.80
C VAL F 50 15.27 -21.77 7.66
N ARG F 51 14.48 -22.78 7.32
CA ARG F 51 13.62 -22.53 6.17
C ARG F 51 12.59 -21.44 6.46
N GLU F 52 12.13 -21.35 7.72
CA GLU F 52 11.19 -20.29 8.07
C GLU F 52 11.72 -18.92 7.67
N ASP F 53 13.04 -18.72 7.74
CA ASP F 53 13.63 -17.43 7.43
C ASP F 53 13.25 -16.94 6.03
N THR F 54 12.80 -17.83 5.15
CA THR F 54 12.42 -17.38 3.81
C THR F 54 11.28 -16.37 3.86
N ARG F 55 10.57 -16.27 4.98
CA ARG F 55 9.53 -15.26 5.11
C ARG F 55 10.14 -13.86 5.22
N LYS F 56 11.27 -13.75 5.91
CA LYS F 56 11.89 -12.45 6.15
C LYS F 56 12.33 -11.76 4.87
N LEU F 57 12.40 -12.50 3.76
CA LEU F 57 12.86 -11.89 2.52
C LEU F 57 11.80 -10.96 1.96
N PRO F 58 12.24 -9.85 1.31
CA PRO F 58 11.30 -9.14 0.43
C PRO F 58 10.73 -10.09 -0.60
N ARG F 59 9.48 -9.86 -1.00
CA ARG F 59 8.89 -10.71 -2.01
C ARG F 59 9.70 -10.71 -3.29
N ALA F 60 10.38 -9.60 -3.60
CA ALA F 60 11.22 -9.54 -4.79
C ALA F 60 12.21 -10.69 -4.80
N ASP F 61 12.93 -10.87 -3.69
CA ASP F 61 13.87 -11.98 -3.59
C ASP F 61 13.15 -13.33 -3.65
N TYR F 62 12.06 -13.46 -2.90
CA TYR F 62 11.37 -14.74 -2.86
C TYR F 62 11.06 -15.20 -4.27
N ARG F 63 10.52 -14.30 -5.10
CA ARG F 63 10.25 -14.61 -6.50
C ARG F 63 11.54 -14.92 -7.27
N ASN F 64 12.59 -14.12 -7.06
CA ASN F 64 13.88 -14.37 -7.67
C ASN F 64 14.31 -15.83 -7.47
N ILE F 65 14.28 -16.28 -6.22
CA ILE F 65 14.77 -17.62 -5.90
C ILE F 65 13.79 -18.69 -6.39
N GLN F 66 12.49 -18.40 -6.33
CA GLN F 66 11.51 -19.32 -6.89
C GLN F 66 11.85 -19.62 -8.34
N ILE F 67 12.19 -18.58 -9.11
CA ILE F 67 12.53 -18.79 -10.51
C ILE F 67 13.79 -19.63 -10.65
N GLU F 68 14.82 -19.35 -9.84
CA GLU F 68 16.04 -20.14 -9.96
C GLU F 68 15.77 -21.63 -9.68
N ALA F 69 15.02 -21.91 -8.61
CA ALA F 69 14.71 -23.31 -8.28
C ALA F 69 13.91 -23.97 -9.38
N ALA F 70 12.89 -23.27 -9.91
CA ALA F 70 12.11 -23.84 -11.00
C ALA F 70 12.99 -24.12 -12.22
N LYS F 71 14.02 -23.31 -12.44
CA LYS F 71 14.88 -23.56 -13.59
C LYS F 71 15.75 -24.80 -13.37
N LYS F 72 16.28 -24.98 -12.15
CA LYS F 72 17.08 -26.18 -11.91
C LYS F 72 16.22 -27.42 -11.66
N ILE F 73 14.90 -27.29 -11.65
CA ILE F 73 14.04 -28.47 -11.68
C ILE F 73 13.53 -28.78 -13.10
N SER F 74 13.55 -27.81 -14.00
CA SER F 74 13.17 -28.06 -15.40
C SER F 74 14.21 -28.88 -16.14
N LEU F 75 15.37 -29.13 -15.53
CA LEU F 75 16.46 -29.81 -16.20
C LEU F 75 16.47 -31.32 -15.99
N ILE F 76 15.58 -31.83 -15.15
CA ILE F 76 15.56 -33.25 -14.93
C ILE F 76 14.87 -33.90 -16.10
N THR F 77 15.58 -34.77 -16.79
CA THR F 77 15.08 -35.49 -17.95
C THR F 77 14.01 -36.50 -17.61
N ASP F 78 14.20 -37.15 -16.49
CA ASP F 78 13.33 -38.20 -16.03
C ASP F 78 11.96 -37.70 -15.72
N ASN F 79 11.00 -38.60 -15.63
CA ASN F 79 9.65 -38.24 -15.25
C ASN F 79 9.84 -37.72 -13.83
N LEU F 80 9.20 -36.63 -13.49
CA LEU F 80 9.39 -36.06 -12.17
C LEU F 80 8.05 -35.61 -11.59
N ILE F 81 7.99 -35.64 -10.26
CA ILE F 81 6.85 -35.17 -9.50
C ILE F 81 7.33 -34.06 -8.58
N VAL F 82 6.68 -32.90 -8.66
CA VAL F 82 7.09 -31.72 -7.92
C VAL F 82 6.10 -31.50 -6.78
N ASP F 83 6.54 -31.79 -5.55
CA ASP F 83 5.70 -31.64 -4.37
C ASP F 83 5.58 -30.16 -4.02
N THR F 84 4.35 -29.64 -4.03
CA THR F 84 4.11 -28.26 -3.63
C THR F 84 2.63 -28.12 -3.29
N HIS F 85 2.19 -26.89 -3.06
CA HIS F 85 0.80 -26.61 -2.70
C HIS F 85 0.21 -25.60 -3.68
N MET F 86 -1.13 -25.65 -3.81
CA MET F 86 -1.83 -24.72 -4.68
C MET F 86 -2.13 -23.40 -3.97
N SER F 87 -2.18 -23.40 -2.65
CA SER F 87 -2.44 -22.16 -1.92
C SER F 87 -1.99 -22.32 -0.47
N LEU F 88 -1.66 -21.19 0.14
CA LEU F 88 -1.24 -21.12 1.52
C LEU F 88 -2.22 -20.25 2.30
N LYS F 89 -2.49 -20.65 3.53
CA LYS F 89 -3.39 -19.94 4.43
C LYS F 89 -2.58 -18.90 5.20
N THR F 90 -2.81 -17.63 4.92
CA THR F 90 -2.17 -16.53 5.62
C THR F 90 -3.24 -15.68 6.30
N PRO F 91 -2.86 -14.86 7.27
CA PRO F 91 -3.85 -13.97 7.91
C PRO F 91 -4.59 -13.07 6.93
N TYR F 92 -4.04 -12.84 5.74
CA TYR F 92 -4.69 -11.99 4.74
C TYR F 92 -5.57 -12.77 3.77
N GLY F 93 -5.67 -14.09 3.94
CA GLY F 93 -6.46 -14.92 3.04
C GLY F 93 -5.64 -16.05 2.45
N PHE F 94 -6.12 -16.63 1.35
CA PHE F 94 -5.35 -17.62 0.61
C PHE F 94 -4.46 -16.93 -0.39
N TYR F 95 -3.21 -17.38 -0.48
CA TYR F 95 -2.29 -16.84 -1.47
C TYR F 95 -1.74 -17.98 -2.32
N PRO F 96 -1.68 -17.81 -3.64
CA PRO F 96 -1.28 -18.93 -4.51
C PRO F 96 0.11 -19.43 -4.15
N GLY F 97 0.25 -20.75 -4.10
CA GLY F 97 1.55 -21.36 -3.86
C GLY F 97 2.48 -21.30 -5.05
N LEU F 98 1.94 -21.03 -6.24
CA LEU F 98 2.74 -20.97 -7.45
C LEU F 98 2.52 -19.64 -8.16
N ILE F 99 3.54 -19.21 -8.90
CA ILE F 99 3.43 -17.98 -9.69
C ILE F 99 3.66 -18.35 -11.16
N PRO F 100 3.08 -17.59 -12.10
CA PRO F 100 3.10 -18.01 -13.51
C PRO F 100 4.47 -18.46 -14.01
N GLU F 101 5.53 -17.78 -13.59
CA GLU F 101 6.86 -18.09 -14.11
C GLU F 101 7.25 -19.54 -13.79
N THR F 102 6.89 -20.04 -12.62
CA THR F 102 7.26 -21.42 -12.28
C THR F 102 6.61 -22.40 -13.24
N ILE F 103 5.35 -22.16 -13.61
CA ILE F 103 4.66 -23.06 -14.52
C ILE F 103 5.22 -22.93 -15.93
N ASN F 104 5.56 -21.71 -16.35
CA ASN F 104 6.18 -21.54 -17.67
C ASN F 104 7.54 -22.21 -17.72
N ILE F 105 8.25 -22.27 -16.59
CA ILE F 105 9.58 -22.86 -16.55
C ILE F 105 9.48 -24.39 -16.54
N ILE F 106 8.64 -24.93 -15.67
CA ILE F 106 8.58 -26.39 -15.54
C ILE F 106 7.83 -27.02 -16.71
N GLN F 107 6.90 -26.30 -17.32
CA GLN F 107 6.11 -26.82 -18.43
C GLN F 107 5.45 -28.14 -18.07
N PRO F 108 4.72 -28.20 -16.94
CA PRO F 108 4.20 -29.48 -16.48
C PRO F 108 3.05 -29.96 -17.33
N ASP F 109 2.99 -31.27 -17.54
CA ASP F 109 1.86 -31.84 -18.26
C ASP F 109 0.58 -31.78 -17.44
N GLY F 110 0.69 -31.77 -16.11
CA GLY F 110 -0.54 -31.68 -15.35
C GLY F 110 -0.35 -31.29 -13.90
N ILE F 111 -1.50 -31.03 -13.25
CA ILE F 111 -1.58 -30.82 -11.82
C ILE F 111 -2.37 -31.98 -11.22
N ILE F 112 -1.99 -32.37 -10.00
CA ILE F 112 -2.57 -33.50 -9.31
C ILE F 112 -2.97 -33.02 -7.92
N LEU F 113 -4.24 -33.22 -7.55
CA LEU F 113 -4.74 -32.83 -6.25
C LEU F 113 -5.11 -34.09 -5.46
N LEU F 114 -4.45 -34.29 -4.32
CA LEU F 114 -4.84 -35.35 -3.40
C LEU F 114 -5.86 -34.76 -2.42
N GLU F 115 -7.12 -35.17 -2.53
CA GLU F 115 -8.19 -34.62 -1.71
C GLU F 115 -8.52 -35.58 -0.58
N PHE F 116 -8.38 -35.10 0.65
CA PHE F 116 -8.58 -35.94 1.83
C PHE F 116 -9.94 -35.65 2.47
N ASN F 117 -10.26 -36.45 3.48
CA ASN F 117 -11.38 -36.18 4.37
C ASN F 117 -10.90 -35.37 5.56
N PRO F 118 -11.51 -34.22 5.86
CA PRO F 118 -11.01 -33.39 6.95
C PRO F 118 -10.83 -34.13 8.27
N ARG F 119 -11.67 -35.14 8.53
CA ARG F 119 -11.52 -35.93 9.75
C ARG F 119 -10.13 -36.53 9.83
N ASP F 120 -9.72 -37.25 8.79
CA ASP F 120 -8.39 -37.87 8.77
C ASP F 120 -7.30 -36.82 8.88
N VAL F 121 -7.48 -35.68 8.21
CA VAL F 121 -6.45 -34.63 8.26
C VAL F 121 -6.27 -34.15 9.69
N ILE F 122 -7.36 -33.83 10.37
CA ILE F 122 -7.28 -33.35 11.75
C ILE F 122 -6.63 -34.41 12.63
N ALA F 123 -7.04 -35.67 12.46
CA ALA F 123 -6.47 -36.75 13.26
C ALA F 123 -4.96 -36.83 13.06
N ARG F 124 -4.50 -36.83 11.81
CA ARG F 124 -3.07 -37.01 11.53
C ARG F 124 -2.27 -35.80 12.00
N ARG F 125 -2.80 -34.60 11.83
CA ARG F 125 -2.11 -33.40 12.30
C ARG F 125 -1.94 -33.44 13.81
N GLU F 126 -3.00 -33.78 14.54
CA GLU F 126 -2.86 -33.83 15.99
C GLU F 126 -1.94 -34.98 16.41
N LYS F 127 -1.94 -36.08 15.66
CA LYS F 127 -1.02 -37.18 15.96
C LYS F 127 0.43 -36.72 15.83
N ASP F 128 0.75 -35.96 14.78
CA ASP F 128 2.07 -35.38 14.69
C ASP F 128 2.32 -34.37 15.81
N ARG F 129 1.28 -33.64 16.24
CA ARG F 129 1.46 -32.69 17.33
C ARG F 129 1.90 -33.40 18.60
N LEU F 130 1.26 -34.53 18.94
CA LEU F 130 1.61 -35.22 20.17
C LEU F 130 3.07 -35.64 20.19
N ALA F 131 3.66 -35.90 19.01
CA ALA F 131 5.05 -36.29 18.92
C ALA F 131 5.98 -35.10 18.71
N GLY F 132 5.55 -33.90 19.09
CA GLY F 132 6.39 -32.73 19.04
C GLY F 132 6.80 -32.31 17.64
N LYS F 133 5.85 -31.80 16.87
CA LYS F 133 6.12 -31.31 15.53
C LYS F 133 5.68 -29.86 15.40
N ASP F 138 -4.13 -22.79 13.89
CA ASP F 138 -3.17 -23.88 13.91
C ASP F 138 -3.89 -25.22 14.05
N MET F 139 -5.13 -25.17 14.50
CA MET F 139 -5.98 -26.35 14.64
C MET F 139 -7.22 -26.13 13.77
N GLU F 140 -7.03 -26.19 12.45
CA GLU F 140 -8.09 -25.83 11.52
C GLU F 140 -9.36 -26.63 11.77
N SER F 141 -10.49 -26.02 11.46
CA SER F 141 -11.76 -26.71 11.57
C SER F 141 -11.94 -27.68 10.39
N GLU F 142 -12.89 -28.59 10.56
CA GLU F 142 -13.35 -29.40 9.44
C GLU F 142 -13.76 -28.51 8.27
N THR F 143 -14.54 -27.47 8.58
CA THR F 143 -14.98 -26.53 7.55
C THR F 143 -13.81 -25.81 6.90
N ASP F 144 -12.84 -25.36 7.72
CA ASP F 144 -11.69 -24.65 7.17
C ASP F 144 -10.91 -25.54 6.21
N ILE F 145 -10.74 -26.82 6.56
CA ILE F 145 -10.01 -27.73 5.69
C ILE F 145 -10.76 -27.96 4.39
N LEU F 146 -12.08 -28.18 4.49
CA LEU F 146 -12.88 -28.32 3.27
C LEU F 146 -12.75 -27.09 2.38
N LEU F 147 -12.81 -25.92 2.98
CA LEU F 147 -12.65 -24.67 2.25
C LEU F 147 -11.31 -24.64 1.52
N HIS F 148 -10.24 -24.96 2.24
CA HIS F 148 -8.91 -24.95 1.65
C HIS F 148 -8.86 -25.88 0.45
N GLN F 149 -9.50 -27.05 0.55
CA GLN F 149 -9.47 -28.01 -0.56
C GLN F 149 -10.24 -27.48 -1.76
N GLN F 150 -11.42 -26.91 -1.53
CA GLN F 150 -12.20 -26.35 -2.63
C GLN F 150 -11.43 -25.25 -3.35
N VAL F 151 -10.77 -24.38 -2.59
CA VAL F 151 -10.00 -23.30 -3.20
C VAL F 151 -8.81 -23.85 -3.97
N ASN F 152 -8.13 -24.86 -3.42
CA ASN F 152 -7.03 -25.50 -4.14
C ASN F 152 -7.53 -26.01 -5.49
N ARG F 153 -8.69 -26.65 -5.51
CA ARG F 153 -9.25 -27.13 -6.77
C ARG F 153 -9.43 -26.00 -7.76
N MET F 154 -9.98 -24.88 -7.31
CA MET F 154 -10.20 -23.76 -8.22
C MET F 154 -8.88 -23.18 -8.75
N PHE F 155 -7.87 -23.06 -7.89
CA PHE F 155 -6.56 -22.59 -8.33
C PHE F 155 -6.00 -23.51 -9.41
N ALA F 156 -6.15 -24.82 -9.21
CA ALA F 156 -5.63 -25.78 -10.19
C ALA F 156 -6.31 -25.59 -11.54
N VAL F 157 -7.64 -25.44 -11.54
CA VAL F 157 -8.33 -25.28 -12.82
C VAL F 157 -7.90 -23.99 -13.51
N SER F 158 -7.65 -22.94 -12.73
CA SER F 158 -7.20 -21.68 -13.33
C SER F 158 -5.85 -21.84 -14.02
N TYR F 159 -4.88 -22.40 -13.28
CA TYR F 159 -3.57 -22.65 -13.88
C TYR F 159 -3.70 -23.51 -15.15
N SER F 160 -4.59 -24.51 -15.11
CA SER F 160 -4.79 -25.37 -16.27
C SER F 160 -5.30 -24.57 -17.46
N ALA F 161 -6.35 -23.77 -17.26
CA ALA F 161 -6.91 -22.99 -18.35
C ALA F 161 -5.88 -22.07 -18.98
N ILE F 162 -4.95 -21.54 -18.17
CA ILE F 162 -3.99 -20.61 -18.76
C ILE F 162 -2.82 -21.35 -19.41
N ASN F 163 -2.40 -22.50 -18.86
CA ASN F 163 -1.21 -23.17 -19.35
C ASN F 163 -1.51 -24.48 -20.07
N GLN F 164 -2.78 -24.79 -20.31
CA GLN F 164 -3.15 -25.93 -21.14
C GLN F 164 -2.60 -27.24 -20.58
N CYS F 165 -2.67 -27.40 -19.26
CA CYS F 165 -2.21 -28.61 -18.58
C CYS F 165 -3.40 -29.38 -18.01
N TYR F 166 -3.14 -30.65 -17.69
CA TYR F 166 -4.17 -31.53 -17.16
C TYR F 166 -4.52 -31.17 -15.71
N VAL F 167 -5.69 -31.62 -15.26
CA VAL F 167 -6.09 -31.52 -13.87
C VAL F 167 -6.62 -32.87 -13.42
N LYS F 168 -5.87 -33.56 -12.57
CA LYS F 168 -6.27 -34.85 -12.03
C LYS F 168 -6.66 -34.69 -10.57
N ILE F 169 -7.83 -35.20 -10.22
CA ILE F 169 -8.33 -35.20 -8.85
C ILE F 169 -8.31 -36.63 -8.34
N ILE F 170 -7.56 -36.87 -7.26
CA ILE F 170 -7.49 -38.18 -6.64
C ILE F 170 -8.26 -38.12 -5.33
N ASP F 171 -9.35 -38.89 -5.29
CA ASP F 171 -10.27 -38.92 -4.16
C ASP F 171 -9.73 -39.86 -3.10
N LEU F 172 -9.48 -39.33 -1.89
CA LEU F 172 -9.09 -40.13 -0.74
C LEU F 172 -10.00 -39.79 0.45
N THR F 173 -11.25 -39.39 0.17
CA THR F 173 -12.18 -39.06 1.24
C THR F 173 -12.82 -40.31 1.86
N TRP F 174 -12.76 -41.46 1.18
CA TRP F 174 -13.41 -42.66 1.66
C TRP F 174 -12.72 -43.19 2.92
N PRO F 175 -13.43 -43.96 3.74
CA PRO F 175 -12.87 -44.41 5.01
C PRO F 175 -11.84 -45.52 4.81
N GLN F 176 -10.78 -45.46 5.61
CA GLN F 176 -9.72 -46.47 5.56
C GLN F 176 -10.12 -47.67 6.41
N GLU F 177 -10.23 -48.84 5.77
CA GLU F 177 -10.40 -50.08 6.53
C GLU F 177 -9.19 -50.32 7.43
N TYR F 178 -8.01 -50.03 6.87
CA TYR F 178 -6.75 -50.15 7.58
C TYR F 178 -5.94 -48.92 7.25
N GLU F 179 -5.06 -48.52 8.15
CA GLU F 179 -4.26 -47.32 7.94
C GLU F 179 -3.32 -47.37 6.74
N PHE F 180 -3.20 -46.23 6.08
CA PHE F 180 -2.32 -46.07 4.94
C PHE F 180 -2.91 -46.62 3.65
N GLN F 181 -4.18 -46.98 3.68
CA GLN F 181 -4.80 -47.49 2.47
C GLN F 181 -4.79 -46.36 1.45
N HIS F 182 -5.10 -45.16 1.91
CA HIS F 182 -5.13 -43.99 1.04
C HIS F 182 -3.83 -43.84 0.27
N THR F 183 -2.70 -44.06 0.94
CA THR F 183 -1.40 -43.82 0.31
C THR F 183 -1.44 -44.68 -0.94
N GLU F 184 -1.50 -46.00 -0.77
CA GLU F 184 -1.31 -46.89 -1.92
C GLU F 184 -2.36 -46.63 -3.00
N TYR F 185 -3.57 -46.24 -2.63
CA TYR F 185 -4.52 -45.97 -3.69
C TYR F 185 -3.99 -44.84 -4.54
N ALA F 186 -3.51 -43.79 -3.88
CA ALA F 186 -2.99 -42.63 -4.59
C ALA F 186 -1.74 -42.91 -5.40
N VAL F 187 -0.80 -43.62 -4.79
CA VAL F 187 0.43 -43.92 -5.47
C VAL F 187 0.14 -44.78 -6.67
N ASN F 188 -0.74 -45.75 -6.52
CA ASN F 188 -1.08 -46.60 -7.62
C ASN F 188 -1.74 -45.82 -8.74
N LYS F 189 -2.64 -44.91 -8.39
CA LYS F 189 -3.29 -44.14 -9.42
C LYS F 189 -2.26 -43.36 -10.19
N ILE F 190 -1.32 -42.75 -9.46
CA ILE F 190 -0.29 -41.97 -10.13
C ILE F 190 0.61 -42.81 -11.03
N ILE F 191 0.99 -43.99 -10.57
CA ILE F 191 1.84 -44.83 -11.38
C ILE F 191 1.11 -45.23 -12.63
N GLU F 192 -0.19 -45.50 -12.50
CA GLU F 192 -0.95 -45.89 -13.66
C GLU F 192 -0.89 -44.78 -14.67
N MET F 193 -0.98 -43.56 -14.16
CA MET F 193 -0.97 -42.38 -15.01
C MET F 193 0.37 -42.22 -15.74
N LEU F 194 1.48 -42.31 -15.01
CA LEU F 194 2.78 -42.11 -15.63
C LEU F 194 3.07 -43.15 -16.71
N ASN F 195 2.55 -44.37 -16.55
CA ASN F 195 2.79 -45.44 -17.51
C ASN F 195 1.63 -45.46 -18.51
N PHE F 196 1.90 -45.01 -19.73
CA PHE F 196 0.85 -44.96 -20.74
C PHE F 196 1.42 -44.93 -22.16
PA AP5 G . 24.31 8.84 -4.52
O1A AP5 G . 24.82 7.53 -5.17
O2A AP5 G . 23.94 8.58 -3.06
O3A AP5 G . 25.44 9.97 -4.60
PB AP5 G . 26.10 10.78 -5.92
O1B AP5 G . 25.23 10.57 -7.15
O2B AP5 G . 26.22 12.29 -5.62
O3B AP5 G . 27.61 10.18 -6.20
PG AP5 G . 28.92 10.89 -6.84
O1G AP5 G . 29.78 9.87 -7.46
O2G AP5 G . 28.49 11.89 -7.85
O3G AP5 G . 29.75 11.66 -5.62
PD AP5 G . 29.95 11.37 -4.02
O1D AP5 G . 28.97 12.23 -3.19
O2D AP5 G . 29.71 9.91 -3.74
O3D AP5 G . 31.49 11.75 -3.65
PE AP5 G . 32.87 11.24 -4.36
O1E AP5 G . 32.52 10.51 -5.61
O2E AP5 G . 33.61 10.30 -3.42
O5F AP5 G . 22.96 9.37 -5.35
C5F AP5 G . 22.86 9.04 -6.70
C4F AP5 G . 21.58 8.28 -6.95
O4F AP5 G . 21.11 7.61 -5.75
C3F AP5 G . 20.40 9.16 -7.42
O3F AP5 G . 19.83 8.63 -8.61
C2F AP5 G . 19.38 9.10 -6.27
O2F AP5 G . 18.04 9.11 -6.78
C1F AP5 G . 19.71 7.71 -5.71
N9A AP5 G . 19.20 7.63 -4.36
C8A AP5 G . 19.96 7.42 -3.29
N7A AP5 G . 19.18 7.39 -2.20
C5A AP5 G . 17.92 7.59 -2.58
C6A AP5 G . 16.71 7.65 -1.89
N6A AP5 G . 16.63 7.52 -0.56
N1A AP5 G . 15.58 7.86 -2.56
C2A AP5 G . 15.65 8.00 -3.91
N3A AP5 G . 16.75 7.95 -4.63
C4A AP5 G . 17.93 7.74 -3.96
O5J AP5 G . 33.79 12.53 -4.70
C5J AP5 G . 33.62 13.15 -5.99
C4J AP5 G . 34.91 13.93 -6.31
O4J AP5 G . 35.35 14.61 -5.12
C3J AP5 G . 36.04 12.91 -6.64
O3J AP5 G . 37.02 13.52 -7.49
C2J AP5 G . 36.63 12.66 -5.28
O2J AP5 G . 37.98 12.20 -5.41
C1J AP5 G . 36.63 14.10 -4.78
N9B AP5 G . 36.83 14.15 -3.36
C8B AP5 G . 36.21 13.45 -2.40
N7B AP5 G . 36.69 13.77 -1.20
C5B AP5 G . 37.65 14.71 -1.39
C6B AP5 G . 38.48 15.40 -0.51
N6B AP5 G . 38.42 15.18 0.81
N1B AP5 G . 39.34 16.27 -0.99
C2B AP5 G . 39.37 16.45 -2.33
N3B AP5 G . 38.62 15.83 -3.21
C4B AP5 G . 37.73 14.94 -2.75
PA AP5 H . 18.47 20.91 34.08
O1A AP5 H . 18.63 21.42 35.52
O2A AP5 H . 17.00 20.99 33.64
O3A AP5 H . 19.35 21.79 33.07
PB AP5 H . 21.02 21.95 32.92
O1B AP5 H . 21.61 20.73 32.22
O2B AP5 H . 21.64 22.11 34.32
O3B AP5 H . 21.34 23.31 32.05
PG AP5 H . 21.81 24.74 32.64
O1G AP5 H . 21.56 24.72 34.10
O2G AP5 H . 23.26 24.95 32.40
O3G AP5 H . 20.93 26.00 32.02
PD AP5 H . 20.31 27.24 32.85
O1D AP5 H . 18.90 26.85 33.37
O2D AP5 H . 20.21 28.46 31.96
O3D AP5 H . 21.25 27.58 34.13
PE AP5 H . 21.08 28.77 35.25
O1E AP5 H . 19.65 29.18 35.30
O2E AP5 H . 21.53 28.25 36.59
O5F AP5 H . 19.00 19.34 33.93
C5F AP5 H . 18.80 18.76 32.69
C4F AP5 H . 19.87 17.73 32.42
O4F AP5 H . 19.27 16.42 32.33
C3F AP5 H . 20.63 17.96 31.11
O3F AP5 H . 22.01 18.15 31.38
C2F AP5 H . 20.47 16.65 30.30
O2F AP5 H . 21.62 15.85 30.55
C1F AP5 H . 19.26 16.02 30.98
N9A AP5 H . 18.01 16.39 30.32
C8A AP5 H . 17.39 17.53 30.54
N7A AP5 H . 16.27 17.58 29.80
C5A AP5 H . 16.20 16.46 29.10
C6A AP5 H . 15.27 15.97 28.19
N6A AP5 H . 14.19 16.68 27.83
N1A AP5 H . 15.44 14.79 27.63
C2A AP5 H . 16.54 14.08 27.98
N3A AP5 H . 17.46 14.46 28.85
C4A AP5 H . 17.30 15.68 29.42
O5J AP5 H . 21.99 30.02 34.82
C5J AP5 H . 23.22 29.75 34.09
C4J AP5 H . 24.36 30.64 34.66
O4J AP5 H . 24.34 31.93 34.01
C3J AP5 H . 24.14 30.95 36.16
O3J AP5 H . 25.37 31.31 36.78
C2J AP5 H . 23.22 32.15 36.10
O2J AP5 H . 23.37 32.92 37.28
C1J AP5 H . 23.86 32.88 34.92
N9B AP5 H . 22.88 33.71 34.26
C8B AP5 H . 21.62 33.40 33.89
N7B AP5 H . 21.06 34.45 33.29
C5B AP5 H . 21.94 35.45 33.27
C6B AP5 H . 21.90 36.75 32.78
N6B AP5 H . 20.81 37.23 32.19
N1B AP5 H . 22.95 37.53 32.90
C2B AP5 H . 24.04 37.01 33.51
N3B AP5 H . 24.16 35.80 33.99
C4B AP5 H . 23.11 34.99 33.88
PA AP5 I . -4.59 36.26 4.00
O1A AP5 I . -5.46 37.52 3.91
O2A AP5 I . -4.79 35.39 2.77
O3A AP5 I . -3.05 36.69 4.08
PB AP5 I . -2.27 38.13 3.66
O1B AP5 I . -1.03 37.78 2.85
O2B AP5 I . -1.89 38.90 4.93
O3B AP5 I . -3.26 39.06 2.73
PG AP5 I . -2.94 39.96 1.42
O1G AP5 I . -3.19 41.39 1.74
O2G AP5 I . -3.81 39.53 0.30
O3G AP5 I . -1.35 39.79 0.96
PD AP5 I . -0.68 39.19 -0.40
O1D AP5 I . 0.40 38.15 -0.01
O2D AP5 I . -1.73 38.53 -1.25
O3D AP5 I . -0.01 40.39 -1.26
PE AP5 I . -0.62 41.28 -2.49
O1E AP5 I . -0.63 40.45 -3.73
O2E AP5 I . -2.02 41.73 -2.17
O5F AP5 I . -4.95 35.41 5.38
C5F AP5 I . -4.20 35.71 6.52
C4F AP5 I . -4.97 35.41 7.77
O4F AP5 I . -6.01 34.44 7.49
C3F AP5 I . -4.12 34.82 8.91
O3F AP5 I . -3.77 35.86 9.83
C2F AP5 I . -5.06 33.81 9.59
O2F AP5 I . -5.92 34.50 10.49
C1F AP5 I . -5.87 33.34 8.39
N9A AP5 I . -5.21 32.22 7.76
C8A AP5 I . -4.79 32.23 6.50
N7A AP5 I . -4.24 31.05 6.21
C5A AP5 I . -4.32 30.27 7.28
C6A AP5 I . -3.92 28.98 7.55
N6A AP5 I . -3.31 28.22 6.63
N1A AP5 I . -4.13 28.45 8.74
C2A AP5 I . -4.75 29.22 9.67
N3A AP5 I . -5.16 30.45 9.50
C4A AP5 I . -4.95 31.02 8.28
O5J AP5 I . 0.31 42.57 -2.72
C5J AP5 I . 0.79 43.31 -1.58
C4J AP5 I . 0.98 44.80 -1.99
O4J AP5 I . 2.22 44.96 -2.70
C3J AP5 I . -0.10 45.23 -3.02
O3J AP5 I . -0.20 46.66 -3.04
C2J AP5 I . 0.49 44.75 -4.33
O2J AP5 I . -0.02 45.53 -5.40
C1J AP5 I . 1.96 45.07 -4.08
N9B AP5 I . 2.81 44.15 -4.78
C8B AP5 I . 2.61 42.87 -5.12
N7B AP5 I . 3.67 42.38 -5.77
C5B AP5 I . 4.58 43.37 -5.85
C6B AP5 I . 5.85 43.43 -6.39
N6B AP5 I . 6.40 42.38 -7.01
N1B AP5 I . 6.53 44.56 -6.33
C2B AP5 I . 5.95 45.60 -5.70
N3B AP5 I . 4.76 45.61 -5.16
C4B AP5 I . 4.04 44.48 -5.22
PA AP5 J . -19.07 -34.91 -28.85
O1A AP5 J . -19.69 -36.16 -29.52
O2A AP5 J . -19.46 -33.67 -29.65
O3A AP5 J . -19.65 -34.78 -27.38
PB AP5 J . -20.19 -35.98 -26.32
O1B AP5 J . -19.82 -37.32 -26.90
O2B AP5 J . -19.60 -35.81 -24.92
O3B AP5 J . -21.83 -35.88 -26.28
PG AP5 J . -22.87 -36.35 -27.44
O1G AP5 J . -22.59 -35.59 -28.67
O2G AP5 J . -22.67 -37.79 -27.68
O3G AP5 J . -24.43 -36.09 -26.97
PD AP5 J . -25.12 -34.89 -26.12
O1D AP5 J . -25.00 -33.58 -26.92
O2D AP5 J . -24.45 -34.77 -24.78
O3D AP5 J . -26.67 -35.31 -25.93
PE AP5 J . -27.73 -35.96 -27.00
O1E AP5 J . -28.44 -34.85 -27.71
O2E AP5 J . -26.98 -36.80 -28.00
O5F AP5 J . -17.41 -35.04 -28.78
C5F AP5 J . -16.88 -35.81 -27.75
C4F AP5 J . -15.41 -36.01 -27.96
O4F AP5 J . -14.88 -35.13 -28.98
C3F AP5 J . -14.54 -35.72 -26.72
O3F AP5 J . -14.47 -36.89 -25.90
C2F AP5 J . -13.18 -35.41 -27.35
O2F AP5 J . -12.61 -36.62 -27.82
C1F AP5 J . -13.65 -34.58 -28.53
N9A AP5 J . -13.81 -33.19 -28.14
C8A AP5 J . -14.98 -32.60 -28.07
N7A AP5 J . -14.81 -31.32 -27.68
C5A AP5 J . -13.50 -31.12 -27.50
C6A AP5 J . -12.76 -30.02 -27.10
N6A AP5 J . -13.31 -28.84 -26.80
N1A AP5 J . -11.44 -30.11 -27.00
C2A AP5 J . -10.87 -31.29 -27.30
N3A AP5 J . -11.51 -32.38 -27.68
C4A AP5 J . -12.86 -32.31 -27.78
O5J AP5 J . -28.79 -36.88 -26.22
C5J AP5 J . -28.27 -37.86 -25.29
C4J AP5 J . -29.21 -39.09 -25.24
O4J AP5 J . -30.26 -38.86 -24.27
C3J AP5 J . -29.97 -39.28 -26.58
O3J AP5 J . -30.47 -40.60 -26.69
C2J AP5 J . -31.10 -38.27 -26.43
O2J AP5 J . -32.20 -38.68 -27.22
C1J AP5 J . -31.43 -38.47 -24.94
N9B AP5 J . -31.90 -37.24 -24.35
C8B AP5 J . -31.49 -35.99 -24.60
N7B AP5 J . -32.17 -35.11 -23.83
C5B AP5 J . -33.02 -35.82 -23.07
C6B AP5 J . -33.94 -35.45 -22.11
N6B AP5 J . -34.13 -34.18 -21.77
N1B AP5 J . -34.65 -36.38 -21.51
C2B AP5 J . -34.43 -37.66 -21.87
N3B AP5 J . -33.58 -38.08 -22.77
C4B AP5 J . -32.84 -37.16 -23.39
PA AP5 K . -24.55 -1.83 -6.07
O1A AP5 K . -25.07 -0.71 -5.15
O2A AP5 K . -23.17 -2.32 -5.57
O3A AP5 K . -25.56 -3.06 -6.09
PB AP5 K . -26.37 -3.90 -4.86
O1B AP5 K . -27.59 -3.09 -4.45
O2B AP5 K . -26.78 -5.30 -5.34
O3B AP5 K . -25.34 -3.98 -3.58
PG AP5 K . -25.11 -2.84 -2.46
O1G AP5 K . -24.09 -1.88 -2.95
O2G AP5 K . -26.40 -2.16 -2.25
O3G AP5 K . -24.62 -3.48 -1.01
PD AP5 K . -25.57 -3.82 0.26
O1D AP5 K . -25.11 -5.16 0.85
O2D AP5 K . -26.98 -3.93 -0.24
O3D AP5 K . -25.53 -2.70 1.43
PE AP5 K . -26.66 -2.50 2.58
O1E AP5 K . -26.03 -2.66 3.92
O2E AP5 K . -27.30 -1.15 2.45
O5F AP5 K . -24.43 -1.27 -7.64
C5F AP5 K . -25.60 -1.37 -8.40
C4F AP5 K . -25.26 -1.81 -9.79
O4F AP5 K . -23.95 -1.32 -10.17
C3F AP5 K . -25.16 -3.32 -10.01
O3F AP5 K . -26.44 -3.88 -10.25
C2F AP5 K . -24.34 -3.39 -11.30
O2F AP5 K . -25.22 -3.12 -12.40
C1F AP5 K . -23.39 -2.21 -11.12
N9A AP5 K . -22.08 -2.64 -10.66
C8A AP5 K . -21.73 -2.63 -9.39
N7A AP5 K . -20.45 -3.06 -9.27
C5A AP5 K . -20.01 -3.36 -10.50
C6A AP5 K . -18.80 -3.84 -10.96
N6A AP5 K . -17.79 -4.11 -10.15
N1A AP5 K . -18.64 -4.04 -12.28
C2A AP5 K . -19.69 -3.76 -13.09
N3A AP5 K . -20.86 -3.30 -12.72
C4A AP5 K . -21.05 -3.09 -11.38
O5J AP5 K . -27.79 -3.64 2.37
C5J AP5 K . -28.05 -4.56 3.45
C4J AP5 K . -29.54 -4.43 3.86
O4J AP5 K . -29.82 -5.31 4.97
C3J AP5 K . -29.78 -3.02 4.46
O3J AP5 K . -31.17 -2.81 4.65
C2J AP5 K . -29.08 -3.18 5.81
O2J AP5 K . -29.66 -2.30 6.76
C1J AP5 K . -29.46 -4.62 6.15
N9B AP5 K . -28.35 -5.28 6.77
C8B AP5 K . -27.04 -5.19 6.48
N7B AP5 K . -26.32 -5.97 7.30
C5B AP5 K . -27.18 -6.58 8.13
C6B AP5 K . -27.01 -7.49 9.17
N6B AP5 K . -25.79 -7.92 9.51
N1B AP5 K . -28.05 -7.93 9.83
C2B AP5 K . -29.27 -7.47 9.46
N3B AP5 K . -29.51 -6.61 8.49
C4B AP5 K . -28.46 -6.15 7.81
PA AP5 L . 4.76 -28.43 4.89
O1A AP5 L . 4.54 -28.68 3.39
O2A AP5 L . 3.58 -27.67 5.50
O3A AP5 L . 4.88 -29.84 5.63
PB AP5 L . 3.71 -30.90 6.19
O1B AP5 L . 2.69 -31.15 5.09
O2B AP5 L . 3.02 -30.32 7.44
O3B AP5 L . 4.47 -32.30 6.56
PG AP5 L . 5.85 -32.92 5.96
O1G AP5 L . 6.14 -32.33 4.63
O2G AP5 L . 6.98 -32.64 6.89
O3G AP5 L . 5.63 -34.56 5.83
PD AP5 L . 5.46 -35.66 7.02
O1D AP5 L . 5.02 -34.90 8.30
O2D AP5 L . 6.79 -36.34 7.25
O3D AP5 L . 4.33 -36.74 6.58
PE AP5 L . 2.76 -36.55 6.16
O1E AP5 L . 2.55 -35.15 5.66
O2E AP5 L . 2.41 -37.55 5.09
O5F AP5 L . 6.17 -27.57 5.12
C5F AP5 L . 6.18 -26.56 6.09
C4F AP5 L . 5.75 -25.25 5.45
O4F AP5 L . 6.79 -24.75 4.56
C3F AP5 L . 4.49 -25.31 4.57
O3F AP5 L . 3.30 -25.20 5.36
C2F AP5 L . 4.69 -24.05 3.71
O2F AP5 L . 4.59 -22.88 4.53
C1F AP5 L . 6.16 -24.30 3.36
N9A AP5 L . 6.22 -25.33 2.32
C8A AP5 L . 6.08 -26.61 2.60
N7A AP5 L . 6.18 -27.32 1.46
C5A AP5 L . 6.38 -26.46 0.46
C6A AP5 L . 6.53 -26.63 -0.90
N6A AP5 L . 6.52 -27.85 -1.46
N1A AP5 L . 6.72 -25.56 -1.69
C2A AP5 L . 6.73 -24.35 -1.10
N3A AP5 L . 6.58 -24.10 0.18
C4A AP5 L . 6.40 -25.18 1.00
O5J AP5 L . 1.85 -36.80 7.47
C5J AP5 L . 2.53 -37.10 8.70
C4J AP5 L . 1.60 -37.91 9.64
O4J AP5 L . 0.46 -38.39 8.90
C3J AP5 L . 2.35 -39.19 10.13
O3J AP5 L . 1.99 -39.46 11.48
C2J AP5 L . 1.84 -40.28 9.20
O2J AP5 L . 1.85 -41.53 9.90
C1J AP5 L . 0.42 -39.80 9.03
N9B AP5 L . -0.15 -40.34 7.81
C8B AP5 L . 0.19 -40.07 6.54
N7B AP5 L . -0.58 -40.77 5.71
C5B AP5 L . -1.43 -41.50 6.45
C6B AP5 L . -2.44 -42.39 6.10
N6B AP5 L . -2.71 -42.67 4.82
N1B AP5 L . -3.12 -42.97 7.06
C2B AP5 L . -2.83 -42.66 8.34
N3B AP5 L . -1.88 -41.82 8.73
C4B AP5 L . -1.17 -41.23 7.78
#